data_9GQR
#
_entry.id   9GQR
#
_cell.length_a   56.630
_cell.length_b   66.276
_cell.length_c   72.665
_cell.angle_alpha   71.67
_cell.angle_beta   73.08
_cell.angle_gamma   69.88
#
_symmetry.space_group_name_H-M   'P 1'
#
loop_
_entity.id
_entity.type
_entity.pdbx_description
1 polymer decarboxylase
2 non-polymer GLYCEROL
3 non-polymer 1,2-ETHANEDIOL
4 water water
#
_entity_poly.entity_id   1
_entity_poly.type   'polypeptide(L)'
_entity_poly.pdbx_seq_one_letter_code
;MSALNPALRFRDFIQVLKNEGDLIEITTEVDPNLEVGAITRKVYEEKLPAPLFNNLKGASKNLFNILGCPGGLRSKKGND
HARIALHLGLDSQTPMKKIIDYLLEAKTKKPIPPHEVPASGAPCKENLLSGDEIDLTSLPVPLLHHGDGGKYIQTYGMWV
LQTPDKSWTNWSIARGMVVDDKHITGLVINPQHIRQVADAWAAIGKGDKIPFALCFGVPPAAILVSSMPIPEGATESDYI
GALLGESLPVVKCETNDLMVPATSEIVFEGTLDLNDLVPEGPFGEMHGYVFPGQGHPCPLYTVNAITYRNNAILPVSNPG
LCTDETHTLIGGLVSAEAKQLAIEHGVPILDAFTPYEAQALWLALKVDLKKLQALKTNPKEFSKKVGDIYFRSKVGFIIH
EIILVGDDIDIFDFRKVIWAYTTRHTPVDDQYYFDDVKAFALAPFVSQSPRIKTLKGGKCVTNCIFPQQYERDVDFVTCN
FDGYPEEIKDKVLQNWSAYGYK
;
_entity_poly.pdbx_strand_id   A,B
#
# COMPACT_ATOMS: atom_id res chain seq x y z
N SER A 2 3.52 41.94 8.19
CA SER A 2 4.26 40.77 7.71
C SER A 2 4.20 40.69 6.19
N ALA A 3 5.27 41.15 5.53
CA ALA A 3 5.35 41.13 4.07
C ALA A 3 6.00 39.87 3.53
N LEU A 4 5.81 38.72 4.20
CA LEU A 4 6.37 37.47 3.74
C LEU A 4 5.52 36.90 2.60
N ASN A 5 6.17 36.51 1.51
CA ASN A 5 5.53 35.89 0.37
C ASN A 5 6.33 34.65 0.01
N PRO A 6 5.94 33.47 0.51
CA PRO A 6 6.73 32.27 0.23
C PRO A 6 6.74 31.88 -1.24
N ALA A 7 5.71 32.24 -1.99
CA ALA A 7 5.67 31.87 -3.41
C ALA A 7 6.60 32.74 -4.24
N LEU A 8 6.83 33.98 -3.82
CA LEU A 8 7.61 34.92 -4.60
C LEU A 8 9.09 34.92 -4.26
N ARG A 9 9.45 34.66 -3.01
CA ARG A 9 10.83 34.73 -2.57
C ARG A 9 11.22 33.47 -1.82
N PHE A 10 12.34 32.87 -2.24
CA PHE A 10 12.81 31.62 -1.65
C PHE A 10 13.13 31.78 -0.16
N ARG A 11 13.60 32.96 0.25
CA ARG A 11 13.95 33.16 1.65
C ARG A 11 12.74 33.43 2.52
N ASP A 12 11.68 34.03 1.95
CA ASP A 12 10.41 34.08 2.67
C ASP A 12 9.84 32.68 2.86
N PHE A 13 10.06 31.78 1.91
CA PHE A 13 9.62 30.40 2.04
C PHE A 13 10.33 29.72 3.21
N ILE A 14 11.64 29.93 3.34
CA ILE A 14 12.39 29.33 4.43
C ILE A 14 11.96 29.95 5.77
N GLN A 15 11.64 31.25 5.75
CA GLN A 15 11.25 31.92 6.99
C GLN A 15 9.93 31.39 7.53
N VAL A 16 8.97 31.11 6.64
CA VAL A 16 7.68 30.59 7.09
C VAL A 16 7.85 29.18 7.67
N LEU A 17 8.69 28.36 7.04
CA LEU A 17 9.02 27.06 7.61
C LEU A 17 9.57 27.19 9.02
N LYS A 18 10.46 28.17 9.23
CA LYS A 18 11.01 28.42 10.56
CA LYS A 18 11.01 28.39 10.56
C LYS A 18 9.94 28.93 11.52
N ASN A 19 9.04 29.77 11.02
CA ASN A 19 7.98 30.30 11.87
C ASN A 19 7.03 29.20 12.32
N GLU A 20 6.76 28.23 11.46
CA GLU A 20 5.84 27.14 11.76
C GLU A 20 6.53 25.94 12.40
N GLY A 21 7.75 26.12 12.90
CA GLY A 21 8.47 25.03 13.53
C GLY A 21 8.81 23.89 12.61
N ASP A 22 9.02 24.17 11.32
CA ASP A 22 9.27 23.15 10.32
C ASP A 22 10.68 23.23 9.75
N LEU A 23 11.61 23.85 10.47
CA LEU A 23 12.97 24.04 9.98
C LEU A 23 13.95 23.92 11.13
N ILE A 24 14.95 23.05 10.95
CA ILE A 24 16.05 22.89 11.91
C ILE A 24 17.31 23.43 11.27
N GLU A 25 17.85 24.50 11.84
CA GLU A 25 19.09 25.10 11.34
C GLU A 25 20.26 24.35 11.96
N ILE A 26 20.92 23.52 11.16
CA ILE A 26 21.99 22.65 11.64
C ILE A 26 23.31 23.41 11.56
N THR A 27 23.87 23.74 12.72
CA THR A 27 25.19 24.34 12.81
C THR A 27 26.29 23.31 13.03
N THR A 28 25.93 22.05 13.27
CA THR A 28 26.90 20.98 13.29
C THR A 28 27.52 20.83 11.90
N GLU A 29 28.81 20.53 11.85
CA GLU A 29 29.46 20.30 10.57
C GLU A 29 28.92 19.02 9.94
N VAL A 30 28.42 19.15 8.71
CA VAL A 30 27.85 18.03 7.97
C VAL A 30 28.64 17.86 6.69
N ASP A 31 28.94 16.60 6.35
CA ASP A 31 29.69 16.30 5.13
C ASP A 31 28.76 16.28 3.92
N PRO A 32 29.07 17.04 2.87
CA PRO A 32 28.27 16.92 1.64
C PRO A 32 28.28 15.53 1.05
N ASN A 33 29.34 14.76 1.27
CA ASN A 33 29.42 13.39 0.78
C ASN A 33 28.57 12.50 1.67
N LEU A 34 27.37 12.14 1.16
CA LEU A 34 26.48 11.12 1.72
C LEU A 34 25.73 11.55 2.97
N GLU A 35 26.37 12.31 3.86
CA GLU A 35 25.71 12.69 5.11
C GLU A 35 24.44 13.49 4.84
N VAL A 36 24.55 14.52 4.00
CA VAL A 36 23.38 15.33 3.65
C VAL A 36 22.26 14.45 3.10
N GLY A 37 22.63 13.48 2.25
CA GLY A 37 21.62 12.58 1.70
C GLY A 37 20.97 11.72 2.77
N ALA A 38 21.77 11.18 3.69
CA ALA A 38 21.23 10.35 4.75
C ALA A 38 20.31 11.14 5.66
N ILE A 39 20.69 12.39 5.97
CA ILE A 39 19.86 13.22 6.83
C ILE A 39 18.54 13.55 6.14
N THR A 40 18.60 13.91 4.86
CA THR A 40 17.37 14.26 4.14
C THR A 40 16.44 13.07 3.99
N ARG A 41 16.99 11.88 3.79
CA ARG A 41 16.14 10.69 3.71
C ARG A 41 15.42 10.42 5.02
N LYS A 42 16.15 10.51 6.14
CA LYS A 42 15.52 10.32 7.44
C LYS A 42 14.43 11.37 7.67
N VAL A 43 14.66 12.59 7.22
CA VAL A 43 13.64 13.64 7.34
C VAL A 43 12.45 13.33 6.45
N TYR A 44 12.69 12.87 5.22
CA TYR A 44 11.60 12.46 4.34
C TYR A 44 10.74 11.39 4.98
N GLU A 45 11.38 10.29 5.41
CA GLU A 45 10.66 9.08 5.76
C GLU A 45 10.00 9.17 7.13
N GLU A 46 10.54 9.99 8.03
CA GLU A 46 9.90 10.25 9.31
C GLU A 46 9.12 11.56 9.31
N LYS A 47 9.08 12.26 8.17
CA LYS A 47 8.26 13.46 7.99
C LYS A 47 8.59 14.51 9.06
N LEU A 48 9.87 14.81 9.18
CA LEU A 48 10.42 15.71 10.18
C LEU A 48 10.63 17.10 9.59
N PRO A 49 10.91 18.10 10.42
CA PRO A 49 11.22 19.44 9.89
C PRO A 49 12.37 19.40 8.89
N ALA A 50 12.29 20.29 7.90
CA ALA A 50 13.29 20.32 6.85
C ALA A 50 14.62 20.84 7.40
N PRO A 51 15.74 20.22 7.03
CA PRO A 51 17.04 20.68 7.52
C PRO A 51 17.62 21.82 6.68
N LEU A 52 18.24 22.77 7.37
CA LEU A 52 18.99 23.85 6.73
C LEU A 52 20.44 23.72 7.19
N PHE A 53 21.29 23.22 6.30
CA PHE A 53 22.69 22.99 6.64
C PHE A 53 23.47 24.29 6.49
N ASN A 54 23.82 24.91 7.61
CA ASN A 54 24.57 26.15 7.60
C ASN A 54 26.07 25.97 7.82
N ASN A 55 26.52 24.74 8.09
CA ASN A 55 27.94 24.47 8.33
C ASN A 55 28.34 23.21 7.55
N LEU A 56 28.36 23.32 6.23
CA LEU A 56 28.82 22.23 5.41
C LEU A 56 30.34 22.21 5.34
N LYS A 57 30.89 20.99 5.28
CA LYS A 57 32.34 20.80 5.17
CA LYS A 57 32.34 20.82 5.18
C LYS A 57 32.82 21.26 3.80
N GLY A 58 33.75 22.20 3.77
CA GLY A 58 34.28 22.71 2.53
C GLY A 58 33.57 23.89 1.94
N ALA A 59 32.53 24.41 2.61
CA ALA A 59 31.81 25.57 2.11
C ALA A 59 32.56 26.84 2.43
N SER A 60 32.53 27.79 1.50
CA SER A 60 33.07 29.12 1.78
C SER A 60 32.02 29.92 2.56
N LYS A 61 32.21 31.24 2.64
CA LYS A 61 31.27 32.06 3.41
CA LYS A 61 31.29 32.08 3.39
C LYS A 61 29.95 32.21 2.68
N ASN A 62 29.98 32.44 1.37
CA ASN A 62 28.75 32.61 0.59
C ASN A 62 28.34 31.38 -0.18
N LEU A 63 29.21 30.38 -0.30
CA LEU A 63 28.95 29.22 -1.17
C LEU A 63 29.33 27.94 -0.42
N PHE A 64 28.34 27.23 0.11
CA PHE A 64 26.94 27.65 0.20
C PHE A 64 26.26 26.91 1.34
N ASN A 65 25.01 27.26 1.61
CA ASN A 65 24.16 26.50 2.50
C ASN A 65 23.20 25.64 1.68
N ILE A 66 22.66 24.60 2.32
CA ILE A 66 21.77 23.66 1.65
C ILE A 66 20.46 23.60 2.41
N LEU A 67 19.36 23.79 1.68
CA LEU A 67 18.01 23.56 2.20
C LEU A 67 17.57 22.17 1.77
N GLY A 68 17.40 21.28 2.74
CA GLY A 68 16.95 19.94 2.45
C GLY A 68 15.44 19.80 2.50
N CYS A 69 14.94 18.81 1.77
CA CYS A 69 13.53 18.42 1.78
C CYS A 69 12.57 19.61 1.60
N PRO A 70 12.73 20.41 0.55
CA PRO A 70 11.82 21.56 0.39
C PRO A 70 10.39 21.17 0.06
N GLY A 71 10.16 19.93 -0.40
CA GLY A 71 8.82 19.48 -0.70
C GLY A 71 8.43 18.24 0.07
N GLY A 72 9.11 18.00 1.19
CA GLY A 72 8.79 16.87 2.03
C GLY A 72 7.48 17.08 2.79
N LEU A 73 6.99 15.98 3.35
CA LEU A 73 5.73 16.00 4.08
C LEU A 73 5.96 16.21 5.57
N ARG A 74 4.95 16.78 6.23
CA ARG A 74 4.97 16.93 7.67
C ARG A 74 4.26 15.76 8.34
N SER A 75 4.54 15.57 9.64
CA SER A 75 3.98 14.43 10.36
C SER A 75 2.50 14.62 10.62
N LYS A 76 2.10 15.81 11.07
CA LYS A 76 0.69 16.09 11.32
CA LYS A 76 0.69 16.09 11.32
C LYS A 76 -0.09 16.03 10.02
N LYS A 77 -1.01 15.06 9.92
CA LYS A 77 -1.75 14.85 8.68
C LYS A 77 -2.58 16.08 8.28
N GLY A 78 -3.07 16.84 9.26
CA GLY A 78 -3.80 18.06 8.94
C GLY A 78 -2.98 19.09 8.21
N ASN A 79 -1.69 18.83 8.03
CA ASN A 79 -0.94 19.77 7.18
CA ASN A 79 -0.69 19.76 7.56
C ASN A 79 0.31 19.12 6.61
N ASP A 80 0.18 17.82 6.31
CA ASP A 80 1.29 17.06 5.74
C ASP A 80 1.82 17.66 4.45
N HIS A 81 0.96 18.28 3.64
CA HIS A 81 1.37 18.91 2.39
C HIS A 81 1.61 20.41 2.57
N ALA A 82 2.16 20.82 3.72
CA ALA A 82 2.31 22.25 3.99
C ALA A 82 3.37 22.88 3.10
N ARG A 83 4.52 22.23 2.96
CA ARG A 83 5.60 22.80 2.15
C ARG A 83 5.19 22.95 0.69
N ILE A 84 4.33 22.05 0.19
CA ILE A 84 3.81 22.18 -1.17
C ILE A 84 2.89 23.38 -1.27
N ALA A 85 2.00 23.55 -0.29
CA ALA A 85 1.09 24.68 -0.30
C ALA A 85 1.84 26.01 -0.20
N LEU A 86 2.94 26.02 0.55
CA LEU A 86 3.71 27.25 0.71
C LEU A 86 4.40 27.65 -0.59
N HIS A 87 4.68 26.67 -1.47
CA HIS A 87 5.22 27.00 -2.79
C HIS A 87 4.31 27.94 -3.56
N LEU A 88 3.00 27.87 -3.31
CA LEU A 88 2.03 28.72 -3.98
C LEU A 88 1.54 29.86 -3.10
N GLY A 89 2.03 29.98 -1.87
CA GLY A 89 1.56 31.01 -0.97
C GLY A 89 0.23 30.72 -0.32
N LEU A 90 -0.16 29.46 -0.24
CA LEU A 90 -1.43 29.08 0.35
C LEU A 90 -1.25 28.76 1.83
N ASP A 91 -2.37 28.75 2.56
CA ASP A 91 -2.37 28.25 3.93
C ASP A 91 -1.71 26.87 3.97
N SER A 92 -0.85 26.67 4.96
CA SER A 92 -0.16 25.38 5.11
C SER A 92 -1.12 24.24 5.42
N GLN A 93 -2.35 24.52 5.88
N GLN A 93 -2.35 24.54 5.88
CA GLN A 93 -3.33 23.48 6.14
CA GLN A 93 -3.34 23.51 6.15
C GLN A 93 -4.11 23.07 4.91
C GLN A 93 -4.08 23.04 4.90
N THR A 94 -3.88 23.70 3.77
CA THR A 94 -4.57 23.34 2.54
C THR A 94 -4.23 21.91 2.15
N PRO A 95 -5.20 20.99 2.11
CA PRO A 95 -4.91 19.62 1.70
C PRO A 95 -4.53 19.55 0.24
N MET A 96 -3.87 18.45 -0.13
CA MET A 96 -3.37 18.29 -1.49
C MET A 96 -4.49 18.37 -2.52
N LYS A 97 -5.69 17.91 -2.18
CA LYS A 97 -6.81 17.98 -3.11
C LYS A 97 -7.13 19.42 -3.49
N LYS A 98 -7.11 20.33 -2.51
CA LYS A 98 -7.43 21.72 -2.78
C LYS A 98 -6.24 22.50 -3.34
N ILE A 99 -5.01 22.02 -3.12
CA ILE A 99 -3.87 22.58 -3.80
C ILE A 99 -3.98 22.34 -5.31
N ILE A 100 -4.36 21.13 -5.70
CA ILE A 100 -4.56 20.80 -7.10
C ILE A 100 -5.67 21.65 -7.69
N ASP A 101 -6.78 21.79 -6.96
CA ASP A 101 -7.89 22.60 -7.45
C ASP A 101 -7.51 24.07 -7.58
N TYR A 102 -6.62 24.55 -6.70
CA TYR A 102 -6.16 25.93 -6.82
C TYR A 102 -5.35 26.14 -8.09
N LEU A 103 -4.48 25.17 -8.42
CA LEU A 103 -3.69 25.27 -9.64
C LEU A 103 -4.57 25.33 -10.88
N LEU A 104 -5.66 24.56 -10.88
CA LEU A 104 -6.58 24.60 -12.02
C LEU A 104 -7.36 25.91 -12.06
N GLU A 105 -7.78 26.41 -10.91
CA GLU A 105 -8.48 27.68 -10.87
CA GLU A 105 -8.48 27.69 -10.85
C GLU A 105 -7.59 28.85 -11.27
N ALA A 106 -6.26 28.71 -11.13
CA ALA A 106 -5.35 29.76 -11.55
C ALA A 106 -5.08 29.75 -13.05
N LYS A 107 -5.34 28.62 -13.72
CA LYS A 107 -5.22 28.58 -15.18
C LYS A 107 -6.21 29.51 -15.85
N THR A 108 -7.29 29.87 -15.16
CA THR A 108 -8.32 30.76 -15.69
C THR A 108 -8.03 32.21 -15.37
N LYS A 109 -6.82 32.54 -14.92
CA LYS A 109 -6.51 33.90 -14.52
C LYS A 109 -5.71 34.62 -15.59
N LYS A 110 -5.91 35.93 -15.66
CA LYS A 110 -5.13 36.88 -16.45
C LYS A 110 -3.64 36.63 -16.25
N PRO A 111 -2.94 36.10 -17.25
CA PRO A 111 -1.51 35.83 -17.09
C PRO A 111 -0.73 37.14 -17.01
N ILE A 112 0.17 37.21 -16.04
CA ILE A 112 0.98 38.41 -15.79
C ILE A 112 2.39 38.13 -16.31
N PRO A 113 2.83 38.80 -17.37
CA PRO A 113 4.17 38.56 -17.89
C PRO A 113 5.24 39.08 -16.94
N PRO A 114 6.45 38.55 -17.01
CA PRO A 114 7.52 39.06 -16.15
C PRO A 114 8.03 40.41 -16.61
N HIS A 115 8.67 41.13 -15.69
CA HIS A 115 9.27 42.43 -15.98
C HIS A 115 10.76 42.39 -15.70
N GLU A 116 11.52 43.12 -16.51
CA GLU A 116 12.97 43.16 -16.39
C GLU A 116 13.39 44.22 -15.38
N VAL A 117 14.31 43.83 -14.49
CA VAL A 117 14.86 44.77 -13.51
C VAL A 117 16.36 44.89 -13.75
N PRO A 118 16.98 46.02 -13.43
CA PRO A 118 18.43 46.14 -13.58
C PRO A 118 19.18 45.23 -12.62
N ALA A 119 20.47 45.06 -12.88
CA ALA A 119 21.29 44.18 -12.06
C ALA A 119 21.40 44.69 -10.64
N SER A 120 21.31 46.01 -10.44
CA SER A 120 21.39 46.57 -9.09
C SER A 120 20.16 46.25 -8.26
N GLY A 121 19.05 45.88 -8.90
CA GLY A 121 17.85 45.51 -8.18
C GLY A 121 17.63 44.02 -8.13
N ALA A 122 18.68 43.25 -8.38
CA ALA A 122 18.60 41.79 -8.40
C ALA A 122 19.54 41.22 -7.34
N PRO A 123 19.02 40.54 -6.31
CA PRO A 123 19.90 39.94 -5.30
C PRO A 123 20.85 38.88 -5.85
N CYS A 124 20.50 38.23 -6.96
CA CYS A 124 21.39 37.21 -7.50
C CYS A 124 22.65 37.79 -8.12
N LYS A 125 22.75 39.11 -8.24
CA LYS A 125 23.92 39.78 -8.81
C LYS A 125 24.89 40.27 -7.74
N GLU A 126 24.65 39.93 -6.47
CA GLU A 126 25.47 40.47 -5.38
C GLU A 126 26.93 40.04 -5.48
N ASN A 127 27.21 38.92 -6.15
CA ASN A 127 28.58 38.44 -6.32
C ASN A 127 28.73 37.88 -7.72
N LEU A 128 29.99 37.80 -8.18
CA LEU A 128 30.27 37.33 -9.52
C LEU A 128 31.58 36.57 -9.53
N LEU A 129 31.55 35.32 -10.00
CA LEU A 129 32.74 34.56 -10.34
C LEU A 129 32.74 34.33 -11.85
N SER A 130 33.93 34.35 -12.45
CA SER A 130 34.03 34.29 -13.90
C SER A 130 35.34 33.64 -14.32
N GLY A 131 35.25 32.78 -15.33
CA GLY A 131 36.47 32.26 -15.96
C GLY A 131 37.26 31.35 -15.04
N ASP A 132 38.55 31.66 -14.92
CA ASP A 132 39.51 30.81 -14.20
C ASP A 132 39.26 30.73 -12.71
N GLU A 133 38.47 31.64 -12.14
CA GLU A 133 38.17 31.60 -10.71
C GLU A 133 36.94 30.75 -10.40
N ILE A 134 36.51 29.91 -11.33
CA ILE A 134 35.41 28.97 -11.12
C ILE A 134 36.00 27.58 -10.93
N ASP A 135 35.77 26.99 -9.76
CA ASP A 135 36.19 25.62 -9.46
C ASP A 135 35.00 24.94 -8.80
N LEU A 136 34.20 24.24 -9.62
CA LEU A 136 33.01 23.57 -9.09
C LEU A 136 33.36 22.42 -8.15
N THR A 137 34.56 21.86 -8.26
CA THR A 137 35.00 20.80 -7.35
C THR A 137 35.38 21.33 -5.98
N SER A 138 35.48 22.65 -5.81
CA SER A 138 35.71 23.24 -4.50
C SER A 138 34.41 23.56 -3.75
N LEU A 139 33.28 23.54 -4.45
CA LEU A 139 31.98 23.78 -3.83
C LEU A 139 31.53 22.54 -3.06
N PRO A 140 30.78 22.73 -1.97
CA PRO A 140 30.26 21.58 -1.21
C PRO A 140 29.06 20.92 -1.87
N VAL A 141 29.25 20.51 -3.13
CA VAL A 141 28.18 19.81 -3.86
C VAL A 141 27.98 18.43 -3.25
N PRO A 142 26.75 18.00 -2.98
CA PRO A 142 26.55 16.74 -2.27
C PRO A 142 26.66 15.52 -3.19
N LEU A 143 27.25 14.47 -2.64
CA LEU A 143 27.12 13.11 -3.18
C LEU A 143 25.91 12.52 -2.47
N LEU A 144 24.76 12.52 -3.16
CA LEU A 144 23.50 12.29 -2.46
C LEU A 144 23.26 10.82 -2.15
N HIS A 145 23.37 9.94 -3.14
CA HIS A 145 23.14 8.52 -2.95
C HIS A 145 24.46 7.76 -3.13
N HIS A 146 24.66 6.73 -2.30
CA HIS A 146 25.76 5.81 -2.55
C HIS A 146 25.50 5.07 -3.85
N GLY A 147 26.45 5.17 -4.79
CA GLY A 147 26.30 4.63 -6.12
C GLY A 147 26.14 5.68 -7.19
N ASP A 148 25.79 6.91 -6.81
CA ASP A 148 25.71 8.00 -7.77
C ASP A 148 27.02 8.14 -8.54
N GLY A 149 26.91 8.40 -9.85
CA GLY A 149 28.07 8.59 -10.68
C GLY A 149 28.83 9.87 -10.45
N GLY A 150 28.34 10.75 -9.59
CA GLY A 150 29.03 12.00 -9.31
C GLY A 150 28.18 12.89 -8.44
N LYS A 151 28.78 14.02 -8.06
CA LYS A 151 28.10 15.00 -7.22
C LYS A 151 27.07 15.76 -8.05
N TYR A 152 25.83 15.78 -7.58
CA TYR A 152 24.73 16.38 -8.32
C TYR A 152 24.37 17.73 -7.72
N ILE A 153 24.73 18.80 -8.42
CA ILE A 153 24.43 20.15 -7.97
C ILE A 153 22.97 20.50 -8.25
N GLN A 154 22.41 20.00 -9.35
CA GLN A 154 21.07 20.38 -9.80
C GLN A 154 20.10 19.25 -9.51
N THR A 155 19.32 19.41 -8.44
CA THR A 155 18.18 18.55 -8.15
C THR A 155 16.91 19.33 -7.83
N TYR A 156 17.01 20.64 -7.57
CA TYR A 156 15.83 21.44 -7.26
C TYR A 156 15.92 22.85 -7.86
N GLY A 157 16.74 23.03 -8.90
CA GLY A 157 16.77 24.26 -9.65
C GLY A 157 16.19 24.06 -11.04
N MET A 158 16.36 25.10 -11.87
CA MET A 158 15.80 25.07 -13.21
C MET A 158 16.83 25.54 -14.24
N TRP A 159 16.83 24.87 -15.38
CA TRP A 159 17.62 25.31 -16.52
C TRP A 159 16.85 26.36 -17.32
N VAL A 160 17.59 27.20 -18.03
CA VAL A 160 17.01 28.18 -18.95
C VAL A 160 17.71 28.04 -20.29
N LEU A 161 16.94 27.77 -21.34
CA LEU A 161 17.47 27.64 -22.69
C LEU A 161 16.53 28.34 -23.66
N GLN A 162 17.10 28.87 -24.74
CA GLN A 162 16.33 29.60 -25.73
C GLN A 162 16.92 29.41 -27.11
N THR A 163 16.08 29.57 -28.12
CA THR A 163 16.53 29.78 -29.48
C THR A 163 16.93 31.25 -29.64
N PRO A 164 17.74 31.57 -30.65
CA PRO A 164 18.11 32.98 -30.87
C PRO A 164 16.90 33.89 -31.06
N ASP A 165 15.93 33.48 -31.88
CA ASP A 165 14.75 34.28 -32.15
C ASP A 165 13.81 34.39 -30.95
N LYS A 166 14.06 33.63 -29.88
CA LYS A 166 13.26 33.62 -28.66
C LYS A 166 11.84 33.13 -28.87
N SER A 167 11.57 32.42 -29.98
CA SER A 167 10.27 31.78 -30.15
C SER A 167 10.15 30.51 -29.31
N TRP A 168 11.27 29.88 -29.00
CA TRP A 168 11.31 28.68 -28.19
C TRP A 168 12.15 28.96 -26.94
N THR A 169 11.51 28.88 -25.77
CA THR A 169 12.15 29.18 -24.49
C THR A 169 11.73 28.10 -23.49
N ASN A 170 12.70 27.46 -22.86
CA ASN A 170 12.40 26.31 -22.00
C ASN A 170 12.97 26.51 -20.60
N TRP A 171 12.14 26.21 -19.60
CA TRP A 171 12.55 26.13 -18.20
C TRP A 171 12.47 24.65 -17.79
N SER A 172 13.63 24.02 -17.64
CA SER A 172 13.71 22.58 -17.43
C SER A 172 14.17 22.25 -16.01
N ILE A 173 13.78 21.08 -15.53
CA ILE A 173 14.16 20.61 -14.21
C ILE A 173 15.01 19.34 -14.28
N ALA A 174 15.67 19.11 -15.41
CA ALA A 174 16.50 17.92 -15.57
C ALA A 174 17.66 17.96 -14.58
N ARG A 175 18.18 16.77 -14.26
CA ARG A 175 19.26 16.65 -13.30
C ARG A 175 20.56 17.20 -13.86
N GLY A 176 21.39 17.75 -12.97
CA GLY A 176 22.68 18.28 -13.35
C GLY A 176 23.81 17.77 -12.48
N MET A 177 24.79 17.12 -13.10
CA MET A 177 25.90 16.50 -12.39
C MET A 177 27.19 17.26 -12.69
N VAL A 178 27.98 17.49 -11.64
CA VAL A 178 29.28 18.16 -11.81
C VAL A 178 30.24 17.22 -12.52
N VAL A 179 30.81 17.70 -13.63
CA VAL A 179 31.79 16.92 -14.37
C VAL A 179 33.20 17.19 -13.86
N ASP A 180 33.59 18.46 -13.76
CA ASP A 180 34.93 18.80 -13.29
C ASP A 180 34.90 20.24 -12.76
N ASP A 181 36.05 20.91 -12.79
CA ASP A 181 36.17 22.24 -12.20
C ASP A 181 35.32 23.27 -12.92
N LYS A 182 35.06 23.07 -14.21
CA LYS A 182 34.36 24.06 -15.02
C LYS A 182 33.21 23.48 -15.84
N HIS A 183 32.82 22.23 -15.60
CA HIS A 183 31.83 21.59 -16.45
C HIS A 183 30.79 20.84 -15.62
N ILE A 184 29.54 20.92 -16.05
CA ILE A 184 28.46 20.09 -15.55
C ILE A 184 27.82 19.38 -16.74
N THR A 185 26.89 18.47 -16.45
CA THR A 185 26.24 17.73 -17.52
C THR A 185 24.81 17.38 -17.11
N GLY A 186 23.96 17.22 -18.11
CA GLY A 186 22.56 16.89 -17.88
C GLY A 186 21.81 16.83 -19.20
N LEU A 187 20.72 16.06 -19.18
CA LEU A 187 19.87 15.88 -20.37
C LEU A 187 18.76 16.91 -20.32
N VAL A 188 19.02 18.09 -20.86
CA VAL A 188 18.11 19.21 -20.76
C VAL A 188 17.27 19.38 -22.02
N ILE A 189 17.84 19.12 -23.19
CA ILE A 189 17.13 19.20 -24.45
C ILE A 189 16.71 17.79 -24.85
N ASN A 190 15.40 17.56 -24.89
CA ASN A 190 14.90 16.27 -25.33
C ASN A 190 15.21 16.07 -26.81
N PRO A 191 15.40 14.82 -27.25
CA PRO A 191 15.72 14.59 -28.68
C PRO A 191 14.71 15.19 -29.64
N GLN A 192 13.47 15.46 -29.21
CA GLN A 192 12.48 16.04 -30.09
CA GLN A 192 12.48 16.05 -30.09
C GLN A 192 12.85 17.47 -30.49
N HIS A 193 13.51 18.21 -29.60
CA HIS A 193 13.80 19.62 -29.83
C HIS A 193 15.23 19.89 -30.24
N ILE A 194 16.08 18.87 -30.37
CA ILE A 194 17.51 19.10 -30.59
C ILE A 194 17.74 19.82 -31.91
N ARG A 195 17.13 19.32 -32.99
CA ARG A 195 17.35 19.92 -34.30
CA ARG A 195 17.34 19.91 -34.31
C ARG A 195 16.88 21.37 -34.33
N GLN A 196 15.72 21.64 -33.73
CA GLN A 196 15.20 23.00 -33.73
C GLN A 196 16.19 23.98 -33.10
N VAL A 197 16.75 23.62 -31.94
CA VAL A 197 17.58 24.57 -31.23
C VAL A 197 19.03 24.56 -31.71
N ALA A 198 19.55 23.40 -32.09
CA ALA A 198 20.95 23.33 -32.51
C ALA A 198 21.16 23.99 -33.86
N ASP A 199 20.26 23.74 -34.82
CA ASP A 199 20.39 24.37 -36.12
C ASP A 199 20.26 25.89 -36.02
N ALA A 200 19.39 26.36 -35.12
CA ALA A 200 19.18 27.79 -34.98
C ALA A 200 20.44 28.50 -34.49
N TRP A 201 21.13 27.90 -33.52
CA TRP A 201 22.37 28.51 -33.02
C TRP A 201 23.53 28.27 -33.96
N ALA A 202 23.51 27.16 -34.71
CA ALA A 202 24.55 26.95 -35.73
C ALA A 202 24.46 27.97 -36.85
N ALA A 203 23.28 28.55 -37.06
CA ALA A 203 23.12 29.57 -38.10
C ALA A 203 23.92 30.83 -37.77
N ILE A 204 24.15 31.11 -36.48
CA ILE A 204 24.97 32.24 -36.07
C ILE A 204 26.36 31.76 -35.62
N GLY A 205 26.79 30.60 -36.09
CA GLY A 205 28.10 30.10 -35.70
C GLY A 205 28.22 29.78 -34.22
N LYS A 206 27.09 29.49 -33.57
CA LYS A 206 27.12 29.11 -32.15
C LYS A 206 26.49 27.74 -31.92
N GLY A 207 26.53 26.84 -32.91
CA GLY A 207 25.89 25.54 -32.73
C GLY A 207 26.62 24.66 -31.75
N ASP A 208 27.92 24.90 -31.57
CA ASP A 208 28.71 24.13 -30.62
C ASP A 208 28.81 24.82 -29.26
N LYS A 209 28.14 25.97 -29.08
CA LYS A 209 28.16 26.71 -27.82
C LYS A 209 26.79 27.37 -27.62
N ILE A 210 25.80 26.54 -27.29
CA ILE A 210 24.44 27.03 -27.05
C ILE A 210 24.37 27.63 -25.66
N PRO A 211 24.01 28.90 -25.52
CA PRO A 211 24.01 29.54 -24.20
C PRO A 211 22.94 28.93 -23.29
N PHE A 212 23.30 28.76 -22.02
CA PHE A 212 22.38 28.24 -21.03
C PHE A 212 22.53 29.01 -19.73
N ALA A 213 21.50 28.91 -18.89
CA ALA A 213 21.55 29.41 -17.53
C ALA A 213 20.93 28.38 -16.61
N LEU A 214 21.49 28.25 -15.41
CA LEU A 214 21.02 27.31 -14.41
C LEU A 214 20.86 28.04 -13.09
N CYS A 215 19.66 27.99 -12.52
CA CYS A 215 19.30 28.82 -11.38
C CYS A 215 18.88 27.95 -10.20
N PHE A 216 19.36 28.31 -9.01
CA PHE A 216 19.01 27.63 -7.77
C PHE A 216 18.41 28.62 -6.79
N GLY A 217 17.52 28.12 -5.92
CA GLY A 217 16.84 28.99 -4.99
C GLY A 217 15.92 30.00 -5.64
N VAL A 218 15.29 29.63 -6.75
CA VAL A 218 14.36 30.50 -7.46
C VAL A 218 13.10 30.66 -6.62
N PRO A 219 12.22 31.60 -6.96
CA PRO A 219 10.90 31.65 -6.31
C PRO A 219 10.24 30.30 -6.34
N PRO A 220 9.77 29.81 -5.18
CA PRO A 220 9.20 28.45 -5.14
C PRO A 220 8.04 28.24 -6.08
N ALA A 221 7.29 29.29 -6.41
CA ALA A 221 6.26 29.15 -7.44
C ALA A 221 6.87 28.87 -8.81
N ALA A 222 8.10 29.34 -9.05
CA ALA A 222 8.72 29.12 -10.34
C ALA A 222 9.24 27.68 -10.45
N ILE A 223 9.77 27.14 -9.36
CA ILE A 223 10.27 25.77 -9.42
C ILE A 223 9.10 24.79 -9.47
N LEU A 224 7.93 25.19 -8.97
CA LEU A 224 6.76 24.35 -9.06
C LEU A 224 6.25 24.27 -10.50
N VAL A 225 6.06 25.43 -11.14
CA VAL A 225 5.55 25.44 -12.51
C VAL A 225 6.56 24.80 -13.47
N SER A 226 7.85 25.02 -13.22
CA SER A 226 8.87 24.39 -14.07
C SER A 226 8.83 22.86 -13.95
N SER A 227 8.31 22.34 -12.85
CA SER A 227 8.19 20.90 -12.64
C SER A 227 6.84 20.36 -13.10
N MET A 228 6.01 21.20 -13.74
CA MET A 228 4.66 20.90 -14.20
C MET A 228 4.70 20.42 -15.65
N PRO A 229 4.02 19.31 -15.99
CA PRO A 229 4.15 18.77 -17.34
C PRO A 229 3.30 19.48 -18.39
N ILE A 230 3.84 20.55 -18.96
CA ILE A 230 3.24 21.24 -20.10
C ILE A 230 4.32 21.27 -21.19
N PRO A 231 4.02 21.64 -22.44
CA PRO A 231 5.01 21.47 -23.52
C PRO A 231 6.36 22.10 -23.21
N GLU A 232 7.41 21.32 -23.39
CA GLU A 232 8.78 21.84 -23.34
C GLU A 232 8.96 22.86 -24.46
N GLY A 233 9.27 24.10 -24.09
CA GLY A 233 9.33 25.19 -25.04
C GLY A 233 8.49 26.36 -24.59
N ALA A 234 8.12 26.36 -23.31
CA ALA A 234 7.33 27.44 -22.71
C ALA A 234 7.71 27.58 -21.26
N THR A 235 8.15 28.78 -20.86
CA THR A 235 8.31 29.04 -19.43
C THR A 235 6.98 29.05 -18.72
N GLU A 236 5.96 29.58 -19.39
CA GLU A 236 4.66 29.86 -18.77
C GLU A 236 4.85 30.75 -17.54
N SER A 237 5.84 31.67 -17.62
CA SER A 237 6.05 32.63 -16.55
C SER A 237 4.87 33.56 -16.38
N ASP A 238 4.09 33.74 -17.45
CA ASP A 238 2.83 34.48 -17.34
C ASP A 238 1.89 33.80 -16.36
N TYR A 239 1.85 32.47 -16.37
CA TYR A 239 1.01 31.72 -15.44
C TYR A 239 1.60 31.78 -14.03
N ILE A 240 2.93 31.81 -13.92
CA ILE A 240 3.56 32.03 -12.62
C ILE A 240 3.09 33.34 -12.01
N GLY A 241 3.03 34.40 -12.82
CA GLY A 241 2.54 35.68 -12.33
C GLY A 241 1.12 35.59 -11.80
N ALA A 242 0.26 34.83 -12.48
CA ALA A 242 -1.10 34.62 -12.01
C ALA A 242 -1.10 34.00 -10.61
N LEU A 243 -0.27 32.98 -10.39
CA LEU A 243 -0.14 32.40 -9.07
C LEU A 243 0.46 33.40 -8.08
N LEU A 244 1.40 34.22 -8.54
CA LEU A 244 2.03 35.21 -7.67
C LEU A 244 1.14 36.42 -7.42
N GLY A 245 0.15 36.67 -8.27
CA GLY A 245 -0.61 37.90 -8.18
C GLY A 245 0.16 39.14 -8.60
N GLU A 246 1.37 38.98 -9.11
CA GLU A 246 2.20 40.09 -9.53
C GLU A 246 3.19 39.59 -10.56
N SER A 247 3.95 40.53 -11.15
CA SER A 247 4.90 40.19 -12.19
C SER A 247 6.17 39.61 -11.59
N LEU A 248 6.65 38.52 -12.19
CA LEU A 248 7.88 37.89 -11.73
C LEU A 248 9.08 38.76 -12.10
N PRO A 249 9.88 39.20 -11.15
CA PRO A 249 11.07 40.00 -11.49
C PRO A 249 12.18 39.12 -12.06
N VAL A 250 12.65 39.47 -13.25
CA VAL A 250 13.72 38.74 -13.91
C VAL A 250 14.85 39.71 -14.26
N VAL A 251 16.05 39.16 -14.42
CA VAL A 251 17.26 39.95 -14.66
C VAL A 251 18.08 39.25 -15.73
N LYS A 252 18.92 40.03 -16.42
CA LYS A 252 19.71 39.51 -17.52
C LYS A 252 20.98 38.84 -17.01
N CYS A 253 21.33 37.72 -17.65
CA CYS A 253 22.58 37.04 -17.35
C CYS A 253 23.77 37.93 -17.72
N GLU A 254 24.92 37.64 -17.10
CA GLU A 254 26.11 38.43 -17.35
C GLU A 254 26.71 38.15 -18.73
N THR A 255 26.55 36.92 -19.24
CA THR A 255 27.24 36.51 -20.45
C THR A 255 26.31 36.16 -21.61
N ASN A 256 25.01 36.31 -21.44
CA ASN A 256 24.06 36.08 -22.53
C ASN A 256 22.79 36.86 -22.22
N ASP A 257 21.81 36.72 -23.12
CA ASP A 257 20.55 37.45 -23.01
C ASP A 257 19.42 36.60 -22.42
N LEU A 258 19.76 35.51 -21.74
CA LEU A 258 18.76 34.72 -21.03
C LEU A 258 18.31 35.46 -19.76
N MET A 259 17.01 35.41 -19.49
CA MET A 259 16.42 36.07 -18.33
C MET A 259 16.19 35.05 -17.24
N VAL A 260 16.63 35.39 -16.04
CA VAL A 260 16.59 34.51 -14.88
C VAL A 260 15.88 35.24 -13.75
N PRO A 261 15.29 34.48 -12.83
CA PRO A 261 14.63 35.10 -11.68
C PRO A 261 15.59 35.97 -10.89
N ALA A 262 15.10 37.15 -10.52
CA ALA A 262 15.97 38.15 -9.89
C ALA A 262 16.40 37.74 -8.49
N THR A 263 15.54 37.04 -7.76
CA THR A 263 15.83 36.65 -6.38
C THR A 263 16.44 35.26 -6.28
N SER A 264 17.06 34.77 -7.36
CA SER A 264 17.71 33.47 -7.30
C SER A 264 18.89 33.50 -6.34
N GLU A 265 19.13 32.36 -5.69
CA GLU A 265 20.25 32.26 -4.77
C GLU A 265 21.58 32.12 -5.53
N ILE A 266 21.61 31.24 -6.52
CA ILE A 266 22.81 30.98 -7.31
C ILE A 266 22.40 30.84 -8.77
N VAL A 267 23.22 31.40 -9.66
CA VAL A 267 22.96 31.37 -11.10
C VAL A 267 24.23 30.90 -11.81
N PHE A 268 24.13 29.80 -12.55
CA PHE A 268 25.20 29.34 -13.42
C PHE A 268 24.98 29.84 -14.84
N GLU A 269 26.06 30.21 -15.52
CA GLU A 269 25.99 30.67 -16.90
C GLU A 269 27.07 29.98 -17.72
N GLY A 270 26.76 29.70 -18.98
CA GLY A 270 27.74 29.10 -19.87
C GLY A 270 27.14 28.70 -21.19
N THR A 271 27.79 27.74 -21.84
CA THR A 271 27.38 27.26 -23.15
C THR A 271 27.31 25.74 -23.16
N LEU A 272 26.62 25.22 -24.18
CA LEU A 272 26.35 23.80 -24.32
C LEU A 272 26.85 23.32 -25.68
N ASP A 273 27.59 22.21 -25.68
CA ASP A 273 28.03 21.53 -26.90
C ASP A 273 27.28 20.21 -26.98
N LEU A 274 26.31 20.12 -27.89
CA LEU A 274 25.53 18.90 -28.03
C LEU A 274 26.36 17.74 -28.59
N ASN A 275 27.48 18.03 -29.26
CA ASN A 275 28.31 16.99 -29.83
C ASN A 275 29.43 16.53 -28.90
N ASP A 276 29.65 17.22 -27.78
CA ASP A 276 30.68 16.87 -26.81
C ASP A 276 30.01 16.06 -25.70
N LEU A 277 30.06 14.74 -25.80
CA LEU A 277 29.33 13.85 -24.91
C LEU A 277 30.21 13.36 -23.78
N VAL A 278 29.65 13.30 -22.58
CA VAL A 278 30.35 12.83 -21.39
C VAL A 278 29.43 11.90 -20.61
N PRO A 279 30.01 10.92 -19.91
CA PRO A 279 29.19 10.04 -19.08
C PRO A 279 28.46 10.82 -17.99
N GLU A 280 27.15 10.61 -17.91
CA GLU A 280 26.31 11.21 -16.88
C GLU A 280 25.68 10.11 -16.04
N GLY A 281 25.65 10.34 -14.73
CA GLY A 281 24.98 9.42 -13.83
C GLY A 281 25.79 8.19 -13.52
N PRO A 282 25.14 7.18 -12.92
CA PRO A 282 23.72 7.12 -12.56
C PRO A 282 23.35 8.01 -11.38
N PHE A 283 22.06 8.15 -11.08
CA PHE A 283 21.61 9.02 -10.01
C PHE A 283 20.38 8.40 -9.37
N GLY A 284 20.36 8.38 -8.03
CA GLY A 284 19.20 7.88 -7.30
C GLY A 284 17.95 8.65 -7.65
N GLU A 285 16.90 7.94 -8.06
CA GLU A 285 15.76 8.64 -8.64
C GLU A 285 14.43 8.33 -7.96
N MET A 286 13.34 8.78 -8.59
CA MET A 286 12.00 8.82 -8.02
C MET A 286 11.42 7.45 -7.70
N HIS A 287 11.99 6.37 -8.24
CA HIS A 287 11.49 5.03 -8.00
C HIS A 287 12.27 4.29 -6.92
N GLY A 288 13.33 4.89 -6.39
CA GLY A 288 14.02 4.37 -5.23
C GLY A 288 15.29 3.60 -5.50
N TYR A 289 15.92 3.78 -6.66
CA TYR A 289 17.04 2.95 -7.07
C TYR A 289 18.20 3.78 -7.59
N VAL A 290 19.41 3.40 -7.20
CA VAL A 290 20.61 3.66 -7.96
C VAL A 290 21.05 2.33 -8.55
N PHE A 291 21.34 2.32 -9.86
CA PHE A 291 21.95 1.17 -10.50
C PHE A 291 23.39 1.52 -10.81
N PRO A 292 24.35 1.18 -9.94
CA PRO A 292 25.74 1.56 -10.17
C PRO A 292 26.25 1.03 -11.51
N GLY A 293 27.04 1.87 -12.18
CA GLY A 293 27.61 1.53 -13.47
C GLY A 293 26.73 1.82 -14.66
N GLN A 294 25.50 2.29 -14.45
CA GLN A 294 24.55 2.51 -15.54
C GLN A 294 24.45 3.99 -15.88
N GLY A 295 25.58 4.56 -16.31
CA GLY A 295 25.59 5.89 -16.85
C GLY A 295 25.24 5.89 -18.33
N HIS A 296 25.18 7.08 -18.91
CA HIS A 296 24.89 7.21 -20.33
C HIS A 296 25.47 8.53 -20.82
N PRO A 297 25.88 8.59 -22.10
CA PRO A 297 26.49 9.82 -22.61
C PRO A 297 25.54 11.00 -22.54
N CYS A 298 26.09 12.18 -22.26
CA CYS A 298 25.30 13.39 -22.12
C CYS A 298 26.11 14.59 -22.58
N PRO A 299 25.46 15.60 -23.17
CA PRO A 299 26.20 16.76 -23.68
C PRO A 299 26.84 17.56 -22.54
N LEU A 300 27.98 18.17 -22.85
CA LEU A 300 28.83 18.81 -21.86
C LEU A 300 28.51 20.30 -21.77
N TYR A 301 28.32 20.79 -20.54
CA TYR A 301 27.99 22.19 -20.27
C TYR A 301 29.18 22.87 -19.63
N THR A 302 29.71 23.90 -20.30
CA THR A 302 30.81 24.69 -19.76
C THR A 302 30.24 25.85 -18.96
N VAL A 303 30.74 26.04 -17.74
CA VAL A 303 30.26 27.08 -16.84
C VAL A 303 31.23 28.25 -16.92
N ASN A 304 30.77 29.37 -17.47
CA ASN A 304 31.61 30.56 -17.66
C ASN A 304 31.45 31.59 -16.55
N ALA A 305 30.29 31.64 -15.90
CA ALA A 305 30.05 32.67 -14.89
C ALA A 305 29.12 32.13 -13.82
N ILE A 306 29.36 32.54 -12.58
CA ILE A 306 28.50 32.23 -11.45
C ILE A 306 28.19 33.54 -10.72
N THR A 307 26.91 33.85 -10.60
CA THR A 307 26.46 34.96 -9.76
C THR A 307 25.60 34.39 -8.64
N TYR A 308 25.74 34.96 -7.45
CA TYR A 308 25.12 34.38 -6.27
C TYR A 308 24.90 35.43 -5.20
N ARG A 309 23.90 35.21 -4.36
CA ARG A 309 23.64 36.09 -3.25
C ARG A 309 24.68 35.89 -2.14
N ASN A 310 24.78 36.89 -1.27
CA ASN A 310 25.47 36.69 -0.01
C ASN A 310 24.77 35.59 0.78
N ASN A 311 25.55 34.72 1.41
CA ASN A 311 25.00 33.63 2.23
C ASN A 311 24.06 32.75 1.41
N ALA A 312 24.50 32.37 0.21
CA ALA A 312 23.64 31.67 -0.73
C ALA A 312 23.19 30.33 -0.17
N ILE A 313 21.98 29.93 -0.56
CA ILE A 313 21.35 28.70 -0.10
C ILE A 313 21.01 27.84 -1.31
N LEU A 314 21.48 26.60 -1.31
CA LEU A 314 21.22 25.68 -2.40
C LEU A 314 20.14 24.69 -1.99
N PRO A 315 18.92 24.78 -2.52
CA PRO A 315 17.93 23.73 -2.25
C PRO A 315 18.29 22.46 -2.99
N VAL A 316 18.12 21.32 -2.31
CA VAL A 316 18.42 20.02 -2.90
C VAL A 316 17.22 19.10 -2.70
N SER A 317 17.01 18.23 -3.68
CA SER A 317 16.05 17.15 -3.60
C SER A 317 16.82 15.84 -3.69
N ASN A 318 16.53 14.91 -2.77
CA ASN A 318 17.22 13.63 -2.68
C ASN A 318 16.22 12.52 -3.00
N PRO A 319 16.03 12.18 -4.27
CA PRO A 319 14.95 11.26 -4.63
C PRO A 319 15.24 9.83 -4.19
N GLY A 320 14.16 9.08 -3.98
CA GLY A 320 14.24 7.68 -3.60
C GLY A 320 12.87 7.10 -3.35
N LEU A 321 12.73 6.32 -2.29
CA LEU A 321 11.40 5.86 -1.92
C LEU A 321 10.54 7.02 -1.43
N CYS A 322 9.23 6.84 -1.50
CA CYS A 322 8.31 7.84 -0.99
C CYS A 322 8.61 8.16 0.47
N THR A 323 8.44 9.42 0.85
CA THR A 323 7.92 10.47 -0.02
C THR A 323 8.85 11.67 -0.09
N ASP A 324 9.26 12.05 -1.30
CA ASP A 324 10.09 13.23 -1.50
C ASP A 324 9.44 14.11 -2.57
N GLU A 325 10.23 15.04 -3.13
CA GLU A 325 9.69 16.02 -4.07
C GLU A 325 9.27 15.37 -5.39
N THR A 326 9.97 14.31 -5.81
CA THR A 326 9.59 13.62 -7.04
C THR A 326 8.21 13.00 -6.95
N HIS A 327 7.60 12.96 -5.76
CA HIS A 327 6.27 12.42 -5.57
C HIS A 327 5.25 13.49 -5.23
N THR A 328 5.55 14.37 -4.26
CA THR A 328 4.64 15.45 -3.92
C THR A 328 4.55 16.47 -5.06
N LEU A 329 5.68 16.78 -5.69
CA LEU A 329 5.71 17.85 -6.68
C LEU A 329 5.53 17.31 -8.10
N ILE A 330 6.45 16.45 -8.54
CA ILE A 330 6.37 15.91 -9.89
C ILE A 330 5.09 15.08 -10.06
N GLY A 331 4.85 14.15 -9.13
CA GLY A 331 3.62 13.39 -9.18
C GLY A 331 2.39 14.24 -8.93
N GLY A 332 2.47 15.15 -7.96
CA GLY A 332 1.33 15.97 -7.62
C GLY A 332 0.90 16.90 -8.75
N LEU A 333 1.85 17.34 -9.58
CA LEU A 333 1.51 18.21 -10.69
C LEU A 333 1.03 17.43 -11.91
N VAL A 334 1.52 16.20 -12.09
CA VAL A 334 0.90 15.30 -13.06
C VAL A 334 -0.57 15.10 -12.70
N SER A 335 -0.87 14.99 -11.41
CA SER A 335 -2.25 14.86 -10.97
C SER A 335 -3.08 16.07 -11.35
N ALA A 336 -2.51 17.27 -11.22
CA ALA A 336 -3.25 18.49 -11.55
C ALA A 336 -3.51 18.57 -13.05
N GLU A 337 -2.51 18.25 -13.88
CA GLU A 337 -2.72 18.25 -15.32
C GLU A 337 -3.60 17.10 -15.75
N ALA A 338 -3.53 15.97 -15.06
CA ALA A 338 -4.44 14.86 -15.36
C ALA A 338 -5.88 15.26 -15.13
N LYS A 339 -6.17 15.96 -14.03
CA LYS A 339 -7.52 16.43 -13.79
C LYS A 339 -7.94 17.44 -14.86
N GLN A 340 -7.04 18.37 -15.21
CA GLN A 340 -7.35 19.34 -16.26
C GLN A 340 -7.61 18.65 -17.59
N LEU A 341 -6.83 17.62 -17.91
CA LEU A 341 -7.00 16.92 -19.18
C LEU A 341 -8.35 16.21 -19.24
N ALA A 342 -8.82 15.69 -18.11
CA ALA A 342 -10.12 15.04 -18.07
C ALA A 342 -11.24 16.05 -18.32
N ILE A 343 -11.11 17.26 -17.79
CA ILE A 343 -12.12 18.28 -18.02
C ILE A 343 -12.17 18.68 -19.48
N GLU A 344 -10.99 18.74 -20.13
CA GLU A 344 -10.96 19.17 -21.53
CA GLU A 344 -10.93 19.16 -21.53
C GLU A 344 -11.58 18.14 -22.45
N HIS A 345 -11.42 16.85 -22.14
CA HIS A 345 -11.99 15.78 -22.95
C HIS A 345 -13.33 15.28 -22.43
N GLY A 346 -13.88 15.92 -21.40
CA GLY A 346 -15.20 15.54 -20.92
C GLY A 346 -15.25 14.22 -20.19
N VAL A 347 -14.13 13.77 -19.64
CA VAL A 347 -14.13 12.51 -18.88
C VAL A 347 -14.63 12.81 -17.47
N PRO A 348 -15.63 12.07 -16.98
CA PRO A 348 -16.20 12.39 -15.65
C PRO A 348 -15.28 12.00 -14.51
N ILE A 349 -14.22 12.78 -14.30
CA ILE A 349 -13.23 12.53 -13.25
C ILE A 349 -13.44 13.54 -12.15
N LEU A 350 -13.72 13.05 -10.94
CA LEU A 350 -13.85 13.95 -9.79
C LEU A 350 -12.48 14.42 -9.31
N ASP A 351 -11.52 13.50 -9.18
CA ASP A 351 -10.18 13.85 -8.75
C ASP A 351 -9.18 12.90 -9.38
N ALA A 352 -7.93 13.36 -9.47
CA ALA A 352 -6.83 12.57 -9.98
C ALA A 352 -5.65 12.70 -9.03
N PHE A 353 -4.97 11.58 -8.78
CA PHE A 353 -3.85 11.61 -7.84
C PHE A 353 -2.90 10.46 -8.13
N THR A 354 -1.62 10.72 -7.90
CA THR A 354 -0.56 9.72 -8.01
C THR A 354 -0.20 9.24 -6.61
N PRO A 355 -0.63 8.05 -6.19
CA PRO A 355 -0.28 7.57 -4.85
C PRO A 355 1.23 7.48 -4.69
N TYR A 356 1.73 8.09 -3.61
CA TYR A 356 3.17 8.14 -3.38
C TYR A 356 3.74 6.75 -3.15
N GLU A 357 2.96 5.86 -2.54
CA GLU A 357 3.43 4.50 -2.29
C GLU A 357 3.76 3.76 -3.58
N ALA A 358 3.18 4.16 -4.71
CA ALA A 358 3.49 3.58 -6.00
C ALA A 358 4.60 4.32 -6.73
N GLN A 359 5.35 5.19 -6.03
CA GLN A 359 6.51 5.88 -6.58
C GLN A 359 6.17 6.67 -7.84
N ALA A 360 5.00 7.31 -7.82
CA ALA A 360 4.51 8.13 -8.93
C ALA A 360 4.41 7.36 -10.24
N LEU A 361 4.28 6.04 -10.16
CA LEU A 361 4.03 5.21 -11.33
C LEU A 361 2.55 4.93 -11.56
N TRP A 362 1.71 5.13 -10.53
CA TRP A 362 0.28 4.94 -10.65
C TRP A 362 -0.41 6.30 -10.77
N LEU A 363 -1.48 6.34 -11.55
CA LEU A 363 -2.36 7.50 -11.65
C LEU A 363 -3.78 7.04 -11.35
N ALA A 364 -4.27 7.37 -10.16
CA ALA A 364 -5.62 7.02 -9.76
C ALA A 364 -6.60 8.06 -10.27
N LEU A 365 -7.66 7.60 -10.93
CA LEU A 365 -8.73 8.48 -11.41
C LEU A 365 -10.01 8.11 -10.67
N LYS A 366 -10.59 9.08 -9.98
CA LYS A 366 -11.83 8.88 -9.24
C LYS A 366 -13.00 9.25 -10.13
N VAL A 367 -13.79 8.26 -10.53
CA VAL A 367 -14.82 8.44 -11.54
C VAL A 367 -16.15 8.76 -10.87
N ASP A 368 -16.83 9.79 -11.37
CA ASP A 368 -18.23 10.03 -11.02
C ASP A 368 -19.07 8.93 -11.64
N LEU A 369 -19.61 8.03 -10.81
CA LEU A 369 -20.29 6.86 -11.34
C LEU A 369 -21.61 7.23 -12.00
N LYS A 370 -22.30 8.25 -11.51
N LYS A 370 -22.31 8.23 -11.49
CA LYS A 370 -23.57 8.65 -12.12
CA LYS A 370 -23.55 8.67 -12.12
C LYS A 370 -23.34 9.18 -13.54
C LYS A 370 -23.32 9.15 -13.54
N LYS A 371 -22.32 10.03 -13.72
CA LYS A 371 -22.03 10.53 -15.07
C LYS A 371 -21.49 9.42 -15.96
N LEU A 372 -20.70 8.51 -15.39
CA LEU A 372 -20.21 7.37 -16.18
C LEU A 372 -21.36 6.54 -16.71
N GLN A 373 -22.38 6.30 -15.89
CA GLN A 373 -23.54 5.54 -16.35
C GLN A 373 -24.31 6.26 -17.44
N ALA A 374 -24.32 7.60 -17.41
CA ALA A 374 -24.97 8.35 -18.47
C ALA A 374 -24.23 8.26 -19.79
N LEU A 375 -22.94 7.92 -19.77
CA LEU A 375 -22.16 7.81 -21.00
C LEU A 375 -22.51 6.56 -21.79
N LYS A 376 -23.16 5.58 -21.17
CA LYS A 376 -23.55 4.33 -21.82
C LYS A 376 -22.35 3.65 -22.47
N THR A 377 -21.29 3.45 -21.68
CA THR A 377 -20.06 2.83 -22.13
C THR A 377 -19.79 1.57 -21.31
N ASN A 378 -18.58 1.05 -21.42
CA ASN A 378 -18.22 -0.23 -20.81
C ASN A 378 -16.75 -0.19 -20.44
N PRO A 379 -16.29 -1.14 -19.61
CA PRO A 379 -14.89 -1.09 -19.16
C PRO A 379 -13.86 -1.08 -20.28
N LYS A 380 -14.03 -1.90 -21.31
N LYS A 380 -14.03 -1.91 -21.31
CA LYS A 380 -13.03 -1.93 -22.38
CA LYS A 380 -13.06 -1.96 -22.40
C LYS A 380 -13.02 -0.64 -23.19
C LYS A 380 -13.02 -0.65 -23.16
N GLU A 381 -14.20 -0.12 -23.52
CA GLU A 381 -14.26 1.11 -24.31
C GLU A 381 -13.79 2.31 -23.51
N PHE A 382 -14.11 2.34 -22.22
CA PHE A 382 -13.72 3.48 -21.39
C PHE A 382 -12.24 3.43 -21.04
N SER A 383 -11.69 2.24 -20.79
CA SER A 383 -10.28 2.13 -20.46
C SER A 383 -9.40 2.50 -21.65
N LYS A 384 -9.78 2.09 -22.86
CA LYS A 384 -9.01 2.45 -24.05
C LYS A 384 -9.00 3.96 -24.25
N LYS A 385 -10.19 4.59 -24.15
CA LYS A 385 -10.26 6.03 -24.33
C LYS A 385 -9.43 6.77 -23.30
N VAL A 386 -9.53 6.36 -22.03
CA VAL A 386 -8.75 7.01 -20.98
C VAL A 386 -7.26 6.85 -21.25
N GLY A 387 -6.83 5.64 -21.60
CA GLY A 387 -5.42 5.42 -21.89
C GLY A 387 -4.95 6.17 -23.12
N ASP A 388 -5.80 6.23 -24.16
CA ASP A 388 -5.44 6.98 -25.36
C ASP A 388 -5.27 8.46 -25.06
N ILE A 389 -5.99 8.98 -24.08
CA ILE A 389 -5.89 10.39 -23.74
C ILE A 389 -4.63 10.66 -22.91
N TYR A 390 -4.35 9.80 -21.93
CA TYR A 390 -3.27 10.07 -20.98
C TYR A 390 -1.93 9.51 -21.43
N PHE A 391 -1.89 8.31 -21.98
CA PHE A 391 -0.63 7.70 -22.38
C PHE A 391 -0.07 8.28 -23.68
N ARG A 392 -0.87 9.04 -24.43
CA ARG A 392 -0.41 9.72 -25.63
C ARG A 392 -0.30 11.22 -25.41
N SER A 393 -0.21 11.65 -24.16
CA SER A 393 0.02 13.04 -23.77
C SER A 393 1.26 13.11 -22.90
N LYS A 394 1.84 14.32 -22.82
CA LYS A 394 3.00 14.52 -21.96
CA LYS A 394 3.00 14.51 -21.96
C LYS A 394 2.66 14.34 -20.49
N VAL A 395 1.39 14.53 -20.12
CA VAL A 395 0.97 14.37 -18.73
C VAL A 395 1.20 12.95 -18.25
N GLY A 396 0.90 11.96 -19.09
CA GLY A 396 0.97 10.57 -18.67
C GLY A 396 2.29 9.88 -18.99
N PHE A 397 3.34 10.66 -19.24
CA PHE A 397 4.61 10.09 -19.66
C PHE A 397 5.22 9.23 -18.55
N ILE A 398 5.23 9.75 -17.32
CA ILE A 398 5.82 9.00 -16.22
C ILE A 398 4.89 7.92 -15.68
N ILE A 399 3.60 8.00 -15.99
CA ILE A 399 2.62 7.05 -15.46
C ILE A 399 2.67 5.77 -16.28
N HIS A 400 2.73 4.63 -15.60
CA HIS A 400 2.72 3.33 -16.28
C HIS A 400 1.48 2.50 -15.97
N GLU A 401 0.65 2.90 -15.01
CA GLU A 401 -0.60 2.21 -14.76
C GLU A 401 -1.64 3.21 -14.27
N ILE A 402 -2.77 3.29 -14.95
CA ILE A 402 -3.88 4.14 -14.57
C ILE A 402 -4.93 3.30 -13.88
N ILE A 403 -5.39 3.75 -12.71
CA ILE A 403 -6.37 3.03 -11.90
C ILE A 403 -7.69 3.80 -11.96
N LEU A 404 -8.75 3.09 -12.33
CA LEU A 404 -10.10 3.66 -12.37
C LEU A 404 -10.87 3.16 -11.15
N VAL A 405 -11.29 4.08 -10.29
CA VAL A 405 -12.07 3.73 -9.10
C VAL A 405 -13.32 4.58 -9.06
N GLY A 406 -14.30 4.10 -8.30
CA GLY A 406 -15.56 4.79 -8.12
C GLY A 406 -15.50 5.89 -7.09
N ASP A 407 -16.60 6.62 -6.99
CA ASP A 407 -16.66 7.84 -6.18
C ASP A 407 -16.73 7.58 -4.68
N ASP A 408 -16.54 6.35 -4.21
CA ASP A 408 -16.48 6.07 -2.79
C ASP A 408 -15.06 5.91 -2.27
N ILE A 409 -14.06 6.07 -3.13
CA ILE A 409 -12.67 5.82 -2.79
C ILE A 409 -11.94 7.16 -2.67
N ASP A 410 -11.43 7.46 -1.48
CA ASP A 410 -10.57 8.62 -1.28
C ASP A 410 -9.20 8.28 -1.84
N ILE A 411 -8.93 8.74 -3.06
CA ILE A 411 -7.69 8.35 -3.75
C ILE A 411 -6.45 8.95 -3.10
N PHE A 412 -6.60 10.00 -2.28
CA PHE A 412 -5.48 10.56 -1.56
C PHE A 412 -5.14 9.76 -0.30
N ASP A 413 -5.86 8.67 -0.04
CA ASP A 413 -5.63 7.81 1.12
C ASP A 413 -5.29 6.42 0.58
N PHE A 414 -4.02 6.03 0.69
CA PHE A 414 -3.58 4.81 0.04
C PHE A 414 -4.18 3.55 0.64
N ARG A 415 -4.61 3.59 1.91
CA ARG A 415 -5.31 2.45 2.48
C ARG A 415 -6.57 2.14 1.67
N LYS A 416 -7.25 3.18 1.21
CA LYS A 416 -8.46 2.99 0.41
CA LYS A 416 -8.45 2.97 0.40
C LYS A 416 -8.12 2.62 -1.04
N VAL A 417 -7.00 3.14 -1.56
CA VAL A 417 -6.61 2.86 -2.93
C VAL A 417 -6.19 1.40 -3.08
N ILE A 418 -5.34 0.92 -2.17
CA ILE A 418 -4.86 -0.46 -2.28
C ILE A 418 -6.00 -1.44 -2.03
N TRP A 419 -7.00 -1.04 -1.24
CA TRP A 419 -8.15 -1.90 -1.02
C TRP A 419 -8.99 -2.04 -2.28
N ALA A 420 -9.36 -0.92 -2.88
CA ALA A 420 -10.11 -0.97 -4.14
C ALA A 420 -9.31 -1.62 -5.25
N TYR A 421 -7.99 -1.44 -5.26
CA TYR A 421 -7.17 -2.04 -6.30
C TYR A 421 -7.20 -3.56 -6.21
N THR A 422 -6.94 -4.10 -5.02
CA THR A 422 -6.78 -5.55 -4.88
C THR A 422 -8.10 -6.29 -4.96
N THR A 423 -9.21 -5.64 -4.60
CA THR A 423 -10.49 -6.32 -4.49
C THR A 423 -11.47 -6.01 -5.62
N ARG A 424 -11.19 -5.05 -6.49
CA ARG A 424 -12.16 -4.64 -7.50
C ARG A 424 -11.66 -4.80 -8.94
N HIS A 425 -10.50 -5.41 -9.16
CA HIS A 425 -10.03 -5.66 -10.51
C HIS A 425 -9.57 -7.11 -10.64
N THR A 426 -9.98 -7.75 -11.73
CA THR A 426 -9.51 -9.08 -12.03
C THR A 426 -8.10 -9.02 -12.59
N PRO A 427 -7.13 -9.72 -12.00
CA PRO A 427 -5.76 -9.68 -12.54
C PRO A 427 -5.72 -10.00 -14.03
N VAL A 428 -4.99 -9.17 -14.77
CA VAL A 428 -4.77 -9.29 -16.21
C VAL A 428 -6.04 -8.98 -17.00
N ASP A 429 -7.14 -9.69 -16.70
CA ASP A 429 -8.33 -9.58 -17.53
C ASP A 429 -8.96 -8.19 -17.46
N ASP A 430 -8.84 -7.51 -16.32
CA ASP A 430 -9.32 -6.15 -16.17
C ASP A 430 -8.24 -5.11 -16.41
N GLN A 431 -7.21 -5.46 -17.18
CA GLN A 431 -6.11 -4.55 -17.49
C GLN A 431 -6.01 -4.40 -19.00
N TYR A 432 -6.19 -3.17 -19.48
CA TYR A 432 -6.18 -2.88 -20.92
C TYR A 432 -4.77 -2.40 -21.29
N TYR A 433 -4.04 -3.24 -22.01
CA TYR A 433 -2.64 -3.00 -22.28
C TYR A 433 -2.44 -2.07 -23.47
N PHE A 434 -1.37 -1.29 -23.42
CA PHE A 434 -0.96 -0.38 -24.50
C PHE A 434 0.48 -0.73 -24.87
N ASP A 435 0.68 -1.25 -26.07
CA ASP A 435 2.01 -1.69 -26.49
C ASP A 435 2.76 -0.64 -27.31
N ASP A 436 2.11 0.46 -27.69
CA ASP A 436 2.68 1.40 -28.64
C ASP A 436 2.72 2.82 -28.08
N VAL A 437 2.76 2.96 -26.78
CA VAL A 437 2.86 4.27 -26.14
C VAL A 437 4.29 4.45 -25.66
N LYS A 438 4.69 5.72 -25.51
CA LYS A 438 6.04 6.03 -25.06
CA LYS A 438 6.04 6.05 -25.06
C LYS A 438 6.22 5.63 -23.61
N ALA A 439 7.31 4.91 -23.34
CA ALA A 439 7.59 4.40 -22.00
C ALA A 439 8.58 5.30 -21.27
N PHE A 440 8.50 5.26 -19.94
CA PHE A 440 9.38 6.05 -19.08
C PHE A 440 10.66 5.27 -18.84
N ALA A 441 11.79 5.83 -19.28
CA ALA A 441 13.06 5.12 -19.18
C ALA A 441 13.54 4.96 -17.75
N LEU A 442 13.08 5.80 -16.83
CA LEU A 442 13.51 5.70 -15.44
C LEU A 442 12.85 4.53 -14.71
N ALA A 443 11.73 4.04 -15.20
CA ALA A 443 11.03 2.94 -14.55
C ALA A 443 11.93 1.73 -14.47
N PRO A 444 12.20 1.20 -13.26
CA PRO A 444 13.15 0.08 -13.15
C PRO A 444 12.75 -1.15 -13.93
N PHE A 445 11.46 -1.44 -14.06
CA PHE A 445 11.07 -2.57 -14.89
C PHE A 445 11.27 -2.27 -16.38
N VAL A 446 11.44 -1.01 -16.74
CA VAL A 446 11.81 -0.65 -18.12
C VAL A 446 13.32 -0.66 -18.31
N SER A 447 14.05 -0.01 -17.39
CA SER A 447 15.50 0.12 -17.55
C SER A 447 16.22 -1.21 -17.41
N GLN A 448 15.67 -2.13 -16.62
CA GLN A 448 16.28 -3.45 -16.41
C GLN A 448 15.67 -4.51 -17.31
N SER A 449 15.11 -4.11 -18.46
CA SER A 449 14.51 -5.03 -19.41
C SER A 449 14.96 -4.64 -20.82
N PRO A 450 14.73 -5.47 -21.84
CA PRO A 450 15.00 -5.03 -23.22
C PRO A 450 14.17 -3.83 -23.65
N ARG A 451 13.12 -3.47 -22.90
CA ARG A 451 12.30 -2.31 -23.23
C ARG A 451 13.05 -1.00 -23.09
N ILE A 452 14.20 -0.97 -22.42
CA ILE A 452 15.02 0.23 -22.39
C ILE A 452 15.55 0.59 -23.77
N LYS A 453 15.58 -0.37 -24.70
CA LYS A 453 16.04 -0.13 -26.07
C LYS A 453 14.91 0.18 -27.04
N THR A 454 13.65 -0.04 -26.65
CA THR A 454 12.49 0.32 -27.46
C THR A 454 11.72 1.50 -26.91
N LEU A 455 11.63 1.66 -25.59
CA LEU A 455 10.92 2.77 -24.94
C LEU A 455 9.46 2.84 -25.40
N LYS A 456 8.87 1.68 -25.68
CA LYS A 456 7.48 1.59 -26.12
C LYS A 456 6.73 0.58 -25.27
N GLY A 457 5.46 0.86 -25.01
CA GLY A 457 4.59 -0.08 -24.32
C GLY A 457 4.85 -0.17 -22.83
N GLY A 458 4.36 -1.27 -22.26
CA GLY A 458 4.51 -1.50 -20.83
C GLY A 458 3.57 -0.72 -19.95
N LYS A 459 2.40 -0.33 -20.48
CA LYS A 459 1.44 0.45 -19.73
C LYS A 459 0.05 -0.18 -19.86
N CYS A 460 -0.79 0.07 -18.87
CA CYS A 460 -2.14 -0.47 -18.87
C CYS A 460 -3.07 0.44 -18.09
N VAL A 461 -4.36 0.38 -18.43
CA VAL A 461 -5.43 1.01 -17.66
C VAL A 461 -6.16 -0.11 -16.94
N THR A 462 -6.13 -0.08 -15.61
CA THR A 462 -6.72 -1.12 -14.78
C THR A 462 -8.07 -0.65 -14.27
N ASN A 463 -9.13 -1.34 -14.68
CA ASN A 463 -10.49 -1.01 -14.25
C ASN A 463 -10.74 -1.63 -12.89
N CYS A 464 -10.90 -0.79 -11.86
CA CYS A 464 -11.27 -1.22 -10.53
C CYS A 464 -12.69 -0.78 -10.19
N ILE A 465 -13.53 -0.66 -11.20
CA ILE A 465 -14.96 -0.37 -11.04
C ILE A 465 -15.72 -1.64 -11.40
N PHE A 466 -16.62 -2.06 -10.51
CA PHE A 466 -17.41 -3.25 -10.77
C PHE A 466 -18.17 -3.07 -12.10
N PRO A 467 -18.16 -4.08 -12.97
CA PRO A 467 -18.72 -3.90 -14.33
C PRO A 467 -20.14 -3.34 -14.36
N GLN A 468 -21.00 -3.77 -13.44
CA GLN A 468 -22.38 -3.27 -13.43
CA GLN A 468 -22.37 -3.26 -13.45
C GLN A 468 -22.46 -1.81 -13.02
N GLN A 469 -21.43 -1.28 -12.35
CA GLN A 469 -21.44 0.13 -11.98
C GLN A 469 -21.35 1.04 -13.20
N TYR A 470 -20.98 0.51 -14.37
CA TYR A 470 -21.07 1.26 -15.62
C TYR A 470 -22.50 1.43 -16.08
N GLU A 471 -23.45 0.68 -15.52
CA GLU A 471 -24.84 0.72 -15.92
C GLU A 471 -25.79 1.15 -14.81
N ARG A 472 -25.53 0.72 -13.57
CA ARG A 472 -26.40 1.06 -12.46
CA ARG A 472 -26.42 1.00 -12.46
C ARG A 472 -25.61 0.97 -11.17
N ASP A 473 -26.23 1.45 -10.10
CA ASP A 473 -25.59 1.43 -8.78
C ASP A 473 -25.49 -0.01 -8.28
N VAL A 474 -24.32 -0.36 -7.76
CA VAL A 474 -24.09 -1.64 -7.10
C VAL A 474 -23.98 -1.36 -5.61
N ASP A 475 -24.94 -1.86 -4.84
CA ASP A 475 -25.00 -1.57 -3.41
C ASP A 475 -24.04 -2.47 -2.64
N PHE A 476 -23.25 -1.88 -1.76
CA PHE A 476 -22.37 -2.64 -0.88
C PHE A 476 -22.00 -1.76 0.30
N VAL A 477 -21.77 -2.40 1.46
CA VAL A 477 -21.37 -1.73 2.68
C VAL A 477 -19.90 -2.02 2.94
N THR A 478 -19.12 -0.97 3.17
CA THR A 478 -17.71 -1.12 3.47
C THR A 478 -17.53 -1.59 4.90
N CYS A 479 -16.77 -2.68 5.10
CA CYS A 479 -16.68 -3.33 6.39
C CYS A 479 -15.48 -2.81 7.18
N ASN A 480 -15.58 -1.54 7.56
CA ASN A 480 -14.69 -0.93 8.54
C ASN A 480 -15.55 -0.11 9.50
N PHE A 481 -14.89 0.51 10.48
CA PHE A 481 -15.65 1.29 11.47
C PHE A 481 -16.46 2.39 10.81
N ASP A 482 -15.86 3.12 9.87
CA ASP A 482 -16.56 4.19 9.19
C ASP A 482 -17.74 3.69 8.37
N GLY A 483 -17.78 2.40 8.05
CA GLY A 483 -18.87 1.84 7.28
C GLY A 483 -20.16 1.61 8.04
N TYR A 484 -20.13 1.74 9.37
CA TYR A 484 -21.33 1.53 10.17
C TYR A 484 -22.22 2.77 10.11
N PRO A 485 -23.52 2.62 10.41
CA PRO A 485 -24.40 3.78 10.45
C PRO A 485 -23.88 4.83 11.43
N GLU A 486 -24.24 6.09 11.15
CA GLU A 486 -23.70 7.20 11.94
CA GLU A 486 -23.70 7.19 11.94
C GLU A 486 -24.12 7.09 13.40
N GLU A 487 -25.37 6.71 13.66
CA GLU A 487 -25.83 6.60 15.04
C GLU A 487 -25.07 5.52 15.80
N ILE A 488 -24.64 4.46 15.11
CA ILE A 488 -23.83 3.43 15.76
C ILE A 488 -22.45 3.98 16.06
N LYS A 489 -21.84 4.66 15.09
CA LYS A 489 -20.50 5.20 15.30
C LYS A 489 -20.48 6.26 16.39
N ASP A 490 -21.51 7.10 16.44
CA ASP A 490 -21.58 8.12 17.48
C ASP A 490 -21.72 7.49 18.86
N LYS A 491 -22.48 6.38 18.95
CA LYS A 491 -22.68 5.71 20.23
CA LYS A 491 -22.67 5.73 20.24
C LYS A 491 -21.37 5.11 20.74
N VAL A 492 -20.62 4.45 19.85
CA VAL A 492 -19.39 3.78 20.27
C VAL A 492 -18.33 4.80 20.67
N LEU A 493 -18.19 5.88 19.90
CA LEU A 493 -17.20 6.90 20.24
C LEU A 493 -17.56 7.60 21.54
N GLN A 494 -18.85 7.79 21.80
CA GLN A 494 -19.26 8.46 23.03
CA GLN A 494 -19.26 8.46 23.03
C GLN A 494 -18.94 7.60 24.26
N ASN A 495 -19.07 6.28 24.13
CA ASN A 495 -18.84 5.35 25.23
C ASN A 495 -17.45 4.72 25.19
N TRP A 496 -16.54 5.22 24.35
CA TRP A 496 -15.25 4.57 24.20
C TRP A 496 -14.46 4.57 25.50
N SER A 497 -14.50 5.68 26.24
CA SER A 497 -13.83 5.72 27.53
C SER A 497 -14.61 4.93 28.59
N ALA A 498 -15.94 4.95 28.51
CA ALA A 498 -16.74 4.16 29.45
C ALA A 498 -16.53 2.66 29.26
N TYR A 499 -16.21 2.24 28.03
CA TYR A 499 -15.88 0.83 27.80
C TYR A 499 -14.62 0.43 28.56
N GLY A 500 -13.68 1.36 28.72
CA GLY A 500 -12.40 1.07 29.33
C GLY A 500 -11.20 1.37 28.46
N TYR A 501 -11.38 1.95 27.28
CA TYR A 501 -10.27 2.26 26.40
C TYR A 501 -9.78 3.68 26.64
N LYS A 502 -8.47 3.87 26.45
CA LYS A 502 -7.84 5.17 26.65
C LYS A 502 -8.26 6.17 25.57
N ALA B 3 -0.23 -24.22 35.63
CA ALA B 3 0.25 -23.03 34.94
C ALA B 3 -0.64 -22.70 33.75
N LEU B 4 -0.44 -21.51 33.18
CA LEU B 4 -1.25 -21.06 32.06
C LEU B 4 -0.77 -21.68 30.75
N ASN B 5 -1.72 -22.18 29.95
CA ASN B 5 -1.44 -22.74 28.63
C ASN B 5 -2.46 -22.14 27.67
N PRO B 6 -2.11 -21.05 26.98
CA PRO B 6 -3.08 -20.41 26.09
C PRO B 6 -3.42 -21.24 24.87
N ALA B 7 -2.58 -22.20 24.48
CA ALA B 7 -2.89 -23.04 23.34
C ALA B 7 -3.92 -24.11 23.69
N LEU B 8 -3.96 -24.53 24.96
CA LEU B 8 -4.80 -25.65 25.38
C LEU B 8 -6.14 -25.20 25.94
N ARG B 9 -6.20 -24.05 26.61
CA ARG B 9 -7.41 -23.61 27.28
C ARG B 9 -7.76 -22.19 26.85
N PHE B 10 -9.00 -22.02 26.39
CA PHE B 10 -9.47 -20.72 25.91
C PHE B 10 -9.41 -19.66 27.01
N ARG B 11 -9.59 -20.07 28.27
CA ARG B 11 -9.59 -19.10 29.36
C ARG B 11 -8.19 -18.75 29.83
N ASP B 12 -7.23 -19.66 29.68
CA ASP B 12 -5.83 -19.29 29.88
C ASP B 12 -5.39 -18.30 28.82
N PHE B 13 -5.90 -18.46 27.59
CA PHE B 13 -5.60 -17.52 26.51
C PHE B 13 -6.10 -16.12 26.87
N ILE B 14 -7.33 -16.02 27.39
CA ILE B 14 -7.88 -14.73 27.79
C ILE B 14 -7.08 -14.15 28.95
N GLN B 15 -6.64 -15.00 29.87
CA GLN B 15 -5.91 -14.53 31.04
C GLN B 15 -4.58 -13.91 30.65
N VAL B 16 -3.86 -14.54 29.71
CA VAL B 16 -2.58 -14.00 29.25
C VAL B 16 -2.79 -12.64 28.60
N LEU B 17 -3.87 -12.50 27.82
CA LEU B 17 -4.20 -11.20 27.25
C LEU B 17 -4.44 -10.17 28.34
N LYS B 18 -5.14 -10.57 29.42
CA LYS B 18 -5.37 -9.65 30.53
C LYS B 18 -4.05 -9.34 31.25
N ASN B 19 -3.19 -10.34 31.41
CA ASN B 19 -1.91 -10.11 32.09
C ASN B 19 -1.02 -9.17 31.29
N GLU B 20 -1.07 -9.26 29.96
CA GLU B 20 -0.25 -8.42 29.10
C GLU B 20 -0.96 -7.11 28.72
N GLY B 21 -1.95 -6.70 29.49
CA GLY B 21 -2.64 -5.44 29.22
C GLY B 21 -3.32 -5.40 27.88
N ASP B 22 -3.68 -6.56 27.33
CA ASP B 22 -4.26 -6.65 25.99
C ASP B 22 -5.75 -7.01 26.03
N LEU B 23 -6.43 -6.68 27.13
CA LEU B 23 -7.84 -7.02 27.27
C LEU B 23 -8.54 -5.97 28.12
N ILE B 24 -9.66 -5.47 27.62
CA ILE B 24 -10.51 -4.55 28.37
C ILE B 24 -11.83 -5.28 28.65
N GLU B 25 -12.13 -5.47 29.92
CA GLU B 25 -13.37 -6.13 30.33
C GLU B 25 -14.47 -5.07 30.41
N ILE B 26 -15.40 -5.13 29.48
CA ILE B 26 -16.41 -4.09 29.32
C ILE B 26 -17.65 -4.49 30.12
N THR B 27 -17.91 -3.77 31.21
CA THR B 27 -19.15 -3.91 31.95
C THR B 27 -20.24 -2.96 31.47
N THR B 28 -19.89 -1.99 30.64
CA THR B 28 -20.88 -1.12 30.03
C THR B 28 -21.81 -1.93 29.14
N GLU B 29 -23.08 -1.54 29.11
CA GLU B 29 -24.05 -2.21 28.26
C GLU B 29 -23.69 -2.01 26.79
N VAL B 30 -23.53 -3.11 26.06
CA VAL B 30 -23.22 -3.09 24.64
C VAL B 30 -24.31 -3.85 23.89
N ASP B 31 -24.82 -3.25 22.83
CA ASP B 31 -25.87 -3.89 22.04
C ASP B 31 -25.24 -4.88 21.07
N PRO B 32 -25.66 -6.15 21.09
CA PRO B 32 -25.20 -7.09 20.05
C PRO B 32 -25.60 -6.65 18.66
N ASN B 33 -26.57 -5.74 18.52
CA ASN B 33 -26.97 -5.19 17.23
C ASN B 33 -25.97 -4.09 16.85
N LEU B 34 -25.01 -4.45 16.00
CA LEU B 34 -24.09 -3.54 15.33
C LEU B 34 -23.02 -2.95 16.25
N GLU B 35 -23.34 -2.75 17.54
CA GLU B 35 -22.36 -2.13 18.44
C GLU B 35 -21.15 -3.03 18.63
N VAL B 36 -21.37 -4.33 18.83
CA VAL B 36 -20.25 -5.25 18.97
C VAL B 36 -19.38 -5.22 17.72
N GLY B 37 -20.01 -5.21 16.54
CA GLY B 37 -19.26 -5.14 15.30
C GLY B 37 -18.48 -3.85 15.15
N ALA B 38 -19.10 -2.72 15.50
CA ALA B 38 -18.42 -1.44 15.37
C ALA B 38 -17.26 -1.32 16.35
N ILE B 39 -17.43 -1.84 17.56
CA ILE B 39 -16.35 -1.79 18.55
C ILE B 39 -15.18 -2.66 18.08
N THR B 40 -15.47 -3.87 17.61
CA THR B 40 -14.42 -4.78 17.17
C THR B 40 -13.66 -4.22 15.97
N ARG B 41 -14.36 -3.55 15.06
CA ARG B 41 -13.68 -2.98 13.90
C ARG B 41 -12.70 -1.89 14.32
N LYS B 42 -13.15 -0.99 15.21
CA LYS B 42 -12.25 0.05 15.72
C LYS B 42 -11.07 -0.56 16.45
N VAL B 43 -11.27 -1.68 17.13
CA VAL B 43 -10.16 -2.35 17.81
C VAL B 43 -9.23 -3.02 16.81
N TYR B 44 -9.80 -3.62 15.75
CA TYR B 44 -8.98 -4.15 14.66
C TYR B 44 -8.12 -3.06 14.05
N GLU B 45 -8.76 -1.98 13.59
CA GLU B 45 -8.10 -0.99 12.74
C GLU B 45 -7.14 -0.10 13.51
N GLU B 46 -7.36 0.10 14.81
CA GLU B 46 -6.43 0.86 15.64
C GLU B 46 -5.54 -0.05 16.48
N LYS B 47 -5.64 -1.37 16.30
CA LYS B 47 -4.77 -2.34 16.94
C LYS B 47 -4.78 -2.17 18.46
N LEU B 48 -5.98 -2.08 19.01
CA LEU B 48 -6.21 -1.84 20.42
C LEU B 48 -6.36 -3.17 21.16
N PRO B 49 -6.34 -3.14 22.50
CA PRO B 49 -6.59 -4.38 23.24
C PRO B 49 -7.94 -4.99 22.93
N ALA B 50 -8.01 -6.31 23.00
CA ALA B 50 -9.21 -7.03 22.61
C ALA B 50 -10.33 -6.78 23.62
N PRO B 51 -11.55 -6.55 23.15
CA PRO B 51 -12.67 -6.31 24.06
C PRO B 51 -13.30 -7.60 24.57
N LEU B 52 -13.67 -7.60 25.84
CA LEU B 52 -14.41 -8.70 26.46
C LEU B 52 -15.75 -8.15 26.93
N PHE B 53 -16.80 -8.39 26.16
CA PHE B 53 -18.12 -7.87 26.45
C PHE B 53 -18.77 -8.73 27.53
N ASN B 54 -18.84 -8.22 28.75
CA ASN B 54 -19.45 -8.93 29.86
C ASN B 54 -20.86 -8.45 30.19
N ASN B 55 -21.40 -7.49 29.43
CA ASN B 55 -22.75 -6.97 29.68
C ASN B 55 -23.38 -6.65 28.31
N LEU B 56 -23.90 -7.68 27.67
CA LEU B 56 -24.59 -7.54 26.39
C LEU B 56 -26.10 -7.52 26.62
N LYS B 57 -26.78 -6.65 25.87
CA LYS B 57 -28.24 -6.63 25.89
C LYS B 57 -28.80 -7.99 25.53
N GLY B 58 -29.58 -8.57 26.44
CA GLY B 58 -30.24 -9.84 26.21
C GLY B 58 -29.54 -11.03 26.80
N ALA B 59 -28.30 -10.89 27.26
CA ALA B 59 -27.56 -12.02 27.80
C ALA B 59 -28.10 -12.41 29.18
N SER B 60 -28.21 -13.72 29.41
CA SER B 60 -28.48 -14.23 30.74
C SER B 60 -27.18 -14.26 31.53
N LYS B 61 -27.19 -14.88 32.70
CA LYS B 61 -25.97 -14.96 33.50
C LYS B 61 -24.91 -15.79 32.78
N ASN B 62 -25.30 -16.94 32.23
CA ASN B 62 -24.36 -17.87 31.63
C ASN B 62 -24.28 -17.79 30.12
N LEU B 63 -25.22 -17.11 29.46
CA LEU B 63 -25.27 -17.07 28.00
C LEU B 63 -25.61 -15.67 27.53
N PHE B 64 -24.60 -14.90 27.07
CA PHE B 64 -23.18 -15.25 27.12
C PHE B 64 -22.36 -13.98 27.04
N ASN B 65 -21.05 -14.10 27.27
CA ASN B 65 -20.11 -13.03 27.03
C ASN B 65 -19.43 -13.22 25.68
N ILE B 66 -18.85 -12.15 25.16
CA ILE B 66 -18.23 -12.14 23.84
CA ILE B 66 -18.22 -12.16 23.84
C ILE B 66 -16.78 -11.69 23.96
N LEU B 67 -15.86 -12.48 23.41
CA LEU B 67 -14.46 -12.10 23.29
C LEU B 67 -14.24 -11.64 21.86
N GLY B 68 -13.96 -10.35 21.69
CA GLY B 68 -13.78 -9.75 20.39
C GLY B 68 -12.32 -9.69 19.98
N CYS B 69 -12.09 -9.70 18.68
CA CYS B 69 -10.77 -9.59 18.08
C CYS B 69 -9.75 -10.58 18.68
N PRO B 70 -10.07 -11.88 18.70
CA PRO B 70 -9.11 -12.84 19.27
C PRO B 70 -7.84 -12.99 18.45
N GLY B 71 -7.86 -12.64 17.17
CA GLY B 71 -6.68 -12.74 16.33
C GLY B 71 -6.22 -11.41 15.77
N GLY B 72 -6.68 -10.31 16.37
CA GLY B 72 -6.26 -9.00 15.92
C GLY B 72 -4.81 -8.71 16.27
N LEU B 73 -4.31 -7.61 15.72
CA LEU B 73 -2.93 -7.19 15.91
C LEU B 73 -2.83 -6.17 17.05
N ARG B 74 -1.65 -6.11 17.65
CA ARG B 74 -1.33 -5.12 18.67
C ARG B 74 -0.60 -3.94 18.03
N SER B 75 -0.67 -2.79 18.69
CA SER B 75 -0.06 -1.58 18.15
C SER B 75 1.46 -1.68 18.12
N LYS B 76 2.07 -2.07 19.26
CA LYS B 76 3.52 -2.22 19.30
C LYS B 76 3.97 -3.31 18.34
N LYS B 77 4.80 -2.91 17.37
CA LYS B 77 5.23 -3.84 16.33
C LYS B 77 6.03 -5.00 16.90
N GLY B 78 6.74 -4.77 18.02
CA GLY B 78 7.55 -5.81 18.63
C GLY B 78 6.76 -7.06 19.01
N ASN B 79 5.46 -6.93 19.21
CA ASN B 79 4.59 -8.08 19.46
C ASN B 79 3.23 -7.85 18.82
N ASP B 80 3.23 -7.42 17.55
CA ASP B 80 1.98 -7.13 16.89
C ASP B 80 1.19 -8.40 16.60
N HIS B 81 1.87 -9.53 16.40
CA HIS B 81 1.22 -10.82 16.18
C HIS B 81 1.14 -11.65 17.44
N ALA B 82 0.98 -11.01 18.60
CA ALA B 82 1.03 -11.73 19.87
C ALA B 82 -0.17 -12.66 20.02
N ARG B 83 -1.38 -12.18 19.67
CA ARG B 83 -2.57 -13.01 19.82
C ARG B 83 -2.51 -14.25 18.93
N ILE B 84 -1.81 -14.16 17.80
CA ILE B 84 -1.64 -15.32 16.94
C ILE B 84 -0.62 -16.29 17.54
N ALA B 85 0.48 -15.76 18.08
CA ALA B 85 1.47 -16.62 18.74
C ALA B 85 0.90 -17.28 19.98
N LEU B 86 -0.01 -16.60 20.68
CA LEU B 86 -0.59 -17.17 21.89
C LEU B 86 -1.52 -18.34 21.57
N HIS B 87 -2.09 -18.36 20.37
CA HIS B 87 -2.92 -19.51 19.97
C HIS B 87 -2.10 -20.80 19.99
N LEU B 88 -0.80 -20.73 19.74
CA LEU B 88 0.07 -21.89 19.70
C LEU B 88 0.85 -22.10 20.98
N GLY B 89 0.76 -21.18 21.94
CA GLY B 89 1.54 -21.27 23.15
C GLY B 89 2.96 -20.74 23.04
N LEU B 90 3.22 -19.84 22.09
CA LEU B 90 4.53 -19.25 21.91
C LEU B 90 4.63 -17.91 22.64
N ASP B 91 5.86 -17.45 22.83
CA ASP B 91 6.09 -16.15 23.44
C ASP B 91 5.42 -15.06 22.61
N SER B 92 4.83 -14.09 23.30
CA SER B 92 4.04 -13.06 22.61
C SER B 92 4.88 -12.23 21.65
N GLN B 93 6.19 -12.17 21.84
CA GLN B 93 7.05 -11.41 20.94
CA GLN B 93 7.09 -11.42 20.98
C GLN B 93 7.55 -12.21 19.76
N THR B 94 7.04 -13.41 19.54
CA THR B 94 7.43 -14.21 18.40
C THR B 94 6.89 -13.57 17.13
N PRO B 95 7.73 -13.14 16.20
CA PRO B 95 7.24 -12.52 14.97
C PRO B 95 6.50 -13.52 14.10
N MET B 96 5.72 -12.98 13.16
CA MET B 96 4.90 -13.83 12.29
C MET B 96 5.77 -14.76 11.46
N LYS B 97 6.98 -14.34 11.11
CA LYS B 97 7.87 -15.21 10.35
C LYS B 97 8.21 -16.48 11.13
N LYS B 98 8.50 -16.33 12.42
CA LYS B 98 8.85 -17.49 13.24
CA LYS B 98 8.84 -17.49 13.24
C LYS B 98 7.62 -18.31 13.62
N ILE B 99 6.45 -17.67 13.73
CA ILE B 99 5.22 -18.43 13.96
C ILE B 99 4.98 -19.39 12.80
N ILE B 100 5.16 -18.90 11.57
CA ILE B 100 5.03 -19.75 10.40
C ILE B 100 6.05 -20.88 10.44
N ASP B 101 7.31 -20.55 10.76
CA ASP B 101 8.34 -21.57 10.84
C ASP B 101 8.07 -22.57 11.96
N TYR B 102 7.44 -22.12 13.05
CA TYR B 102 7.09 -23.05 14.12
C TYR B 102 6.01 -24.03 13.68
N LEU B 103 4.97 -23.54 13.01
CA LEU B 103 3.95 -24.43 12.46
C LEU B 103 4.55 -25.44 11.49
N LEU B 104 5.64 -25.06 10.80
CA LEU B 104 6.29 -26.00 9.90
C LEU B 104 7.06 -27.05 10.69
N GLU B 105 7.79 -26.63 11.72
CA GLU B 105 8.51 -27.57 12.57
CA GLU B 105 8.51 -27.58 12.56
C GLU B 105 7.57 -28.50 13.32
N ALA B 106 6.28 -28.13 13.43
CA ALA B 106 5.31 -28.97 14.10
C ALA B 106 4.72 -30.03 13.17
N LYS B 107 4.84 -29.85 11.86
CA LYS B 107 4.47 -30.90 10.92
CA LYS B 107 4.46 -30.90 10.93
C LYS B 107 5.46 -32.06 10.90
N THR B 108 6.56 -31.95 11.63
CA THR B 108 7.59 -33.00 11.73
C THR B 108 7.52 -33.73 13.07
N LYS B 109 6.40 -33.62 13.77
CA LYS B 109 6.30 -34.27 15.07
CA LYS B 109 6.20 -34.16 15.11
C LYS B 109 5.10 -35.21 15.09
N LYS B 110 5.08 -36.07 16.11
CA LYS B 110 4.16 -37.21 16.16
C LYS B 110 2.76 -36.76 16.59
N PRO B 111 1.71 -37.20 15.91
CA PRO B 111 0.34 -36.87 16.33
C PRO B 111 0.00 -37.57 17.63
N ILE B 112 -0.49 -36.81 18.60
CA ILE B 112 -0.91 -37.35 19.89
C ILE B 112 -2.42 -37.50 19.85
N PRO B 113 -2.95 -38.73 19.96
CA PRO B 113 -4.41 -38.89 19.85
C PRO B 113 -5.11 -38.33 21.08
N PRO B 114 -6.37 -37.94 20.96
CA PRO B 114 -7.09 -37.41 22.12
C PRO B 114 -7.53 -38.52 23.05
N HIS B 115 -7.79 -38.13 24.30
CA HIS B 115 -8.30 -39.03 25.32
C HIS B 115 -9.67 -38.58 25.78
N GLU B 116 -10.53 -39.55 26.07
CA GLU B 116 -11.90 -39.26 26.49
C GLU B 116 -11.97 -39.05 27.99
N VAL B 117 -12.69 -38.03 28.41
CA VAL B 117 -12.91 -37.75 29.83
C VAL B 117 -14.40 -37.84 30.10
N PRO B 118 -14.81 -38.19 31.32
CA PRO B 118 -16.25 -38.24 31.64
C PRO B 118 -16.87 -36.85 31.63
N ALA B 119 -18.20 -36.82 31.67
CA ALA B 119 -18.92 -35.57 31.57
C ALA B 119 -18.66 -34.65 32.77
N SER B 120 -18.49 -35.22 33.96
CA SER B 120 -18.23 -34.40 35.13
C SER B 120 -16.83 -33.78 35.12
N GLY B 121 -15.93 -34.32 34.31
CA GLY B 121 -14.61 -33.77 34.13
C GLY B 121 -14.49 -32.81 32.97
N ALA B 122 -15.60 -32.47 32.31
CA ALA B 122 -15.59 -31.55 31.17
C ALA B 122 -16.37 -30.30 31.51
N PRO B 123 -15.72 -29.13 31.56
CA PRO B 123 -16.46 -27.90 31.92
C PRO B 123 -17.58 -27.56 30.97
N CYS B 124 -17.52 -28.00 29.71
CA CYS B 124 -18.58 -27.70 28.76
C CYS B 124 -19.89 -28.39 29.10
N LYS B 125 -19.89 -29.32 30.06
CA LYS B 125 -21.09 -30.01 30.49
C LYS B 125 -21.72 -29.40 31.74
N GLU B 126 -21.26 -28.22 32.16
CA GLU B 126 -21.74 -27.63 33.41
C GLU B 126 -23.21 -27.23 33.34
N ASN B 127 -23.76 -27.04 32.14
CA ASN B 127 -25.17 -26.69 32.00
C ASN B 127 -25.72 -27.38 30.74
N LEU B 128 -27.04 -27.50 30.69
CA LEU B 128 -27.70 -28.16 29.57
C LEU B 128 -29.02 -27.48 29.27
N LEU B 129 -29.23 -27.14 27.99
CA LEU B 129 -30.53 -26.74 27.46
C LEU B 129 -30.92 -27.73 26.37
N SER B 130 -32.19 -28.12 26.35
CA SER B 130 -32.62 -29.16 25.42
C SER B 130 -34.06 -28.90 24.96
N GLY B 131 -34.30 -29.15 23.69
CA GLY B 131 -35.65 -29.16 23.16
C GLY B 131 -36.32 -27.80 23.25
N ASP B 132 -37.49 -27.78 23.89
CA ASP B 132 -38.32 -26.58 23.98
C ASP B 132 -37.64 -25.45 24.75
N GLU B 133 -36.58 -25.77 25.51
CA GLU B 133 -35.85 -24.76 26.27
C GLU B 133 -34.89 -23.95 25.42
N ILE B 134 -34.81 -24.22 24.11
CA ILE B 134 -33.84 -23.58 23.23
C ILE B 134 -34.54 -22.49 22.44
N ASP B 135 -34.03 -21.26 22.55
CA ASP B 135 -34.50 -20.13 21.76
C ASP B 135 -33.26 -19.34 21.35
N LEU B 136 -32.78 -19.58 20.13
CA LEU B 136 -31.56 -18.92 19.67
C LEU B 136 -31.76 -17.44 19.42
N THR B 137 -33.00 -16.98 19.22
CA THR B 137 -33.27 -15.55 19.08
C THR B 137 -33.24 -14.81 20.40
N SER B 138 -33.23 -15.53 21.52
CA SER B 138 -33.10 -14.89 22.83
C SER B 138 -31.64 -14.70 23.23
N LEU B 139 -30.73 -15.46 22.64
CA LEU B 139 -29.31 -15.26 22.90
C LEU B 139 -28.85 -13.92 22.32
N PRO B 140 -27.86 -13.28 22.94
CA PRO B 140 -27.32 -12.02 22.40
C PRO B 140 -26.38 -12.25 21.21
N VAL B 141 -26.92 -12.82 20.15
CA VAL B 141 -26.13 -13.06 18.94
C VAL B 141 -25.92 -11.73 18.22
N PRO B 142 -24.70 -11.41 17.79
CA PRO B 142 -24.46 -10.10 17.17
C PRO B 142 -24.92 -10.04 15.72
N LEU B 143 -25.48 -8.89 15.36
CA LEU B 143 -25.60 -8.48 13.96
C LEU B 143 -24.32 -7.72 13.64
N LEU B 144 -23.36 -8.39 13.02
CA LEU B 144 -21.99 -7.89 13.00
C LEU B 144 -21.84 -6.71 12.02
N HIS B 145 -22.26 -6.89 10.78
CA HIS B 145 -22.16 -5.83 9.78
C HIS B 145 -23.55 -5.33 9.40
N HIS B 146 -23.66 -4.03 9.16
CA HIS B 146 -24.88 -3.48 8.59
C HIS B 146 -25.03 -4.01 7.16
N GLY B 147 -26.14 -4.66 6.88
CA GLY B 147 -26.36 -5.33 5.62
C GLY B 147 -26.30 -6.84 5.69
N ASP B 148 -25.80 -7.40 6.78
CA ASP B 148 -25.78 -8.85 6.93
C ASP B 148 -27.19 -9.41 6.87
N GLY B 149 -27.32 -10.59 6.26
CA GLY B 149 -28.64 -11.22 6.15
C GLY B 149 -29.22 -11.69 7.47
N GLY B 150 -28.42 -11.75 8.53
CA GLY B 150 -28.91 -12.18 9.82
C GLY B 150 -27.81 -12.14 10.84
N LYS B 151 -28.16 -12.58 12.05
CA LYS B 151 -27.21 -12.60 13.15
C LYS B 151 -26.34 -13.84 13.08
N TYR B 152 -25.03 -13.64 13.09
CA TYR B 152 -24.07 -14.72 12.88
C TYR B 152 -23.47 -15.14 14.23
N ILE B 153 -23.83 -16.34 14.67
CA ILE B 153 -23.31 -16.86 15.93
C ILE B 153 -21.98 -17.58 15.72
N GLN B 154 -21.75 -18.13 14.53
CA GLN B 154 -20.54 -18.89 14.23
C GLN B 154 -19.66 -18.06 13.32
N THR B 155 -18.64 -17.44 13.92
CA THR B 155 -17.56 -16.78 13.19
C THR B 155 -16.19 -17.18 13.70
N TYR B 156 -16.07 -17.69 14.92
CA TYR B 156 -14.80 -18.10 15.50
C TYR B 156 -14.99 -19.35 16.34
N GLY B 157 -15.83 -20.28 15.86
CA GLY B 157 -16.01 -21.56 16.48
C GLY B 157 -15.78 -22.66 15.46
N MET B 158 -16.08 -23.92 15.82
CA MET B 158 -15.74 -25.03 14.95
C MET B 158 -16.90 -26.01 14.86
N TRP B 159 -17.19 -26.46 13.64
CA TRP B 159 -18.15 -27.53 13.43
C TRP B 159 -17.46 -28.89 13.56
N VAL B 160 -18.24 -29.89 13.95
CA VAL B 160 -17.76 -31.27 14.03
C VAL B 160 -18.76 -32.15 13.27
N LEU B 161 -18.28 -32.81 12.22
CA LEU B 161 -19.10 -33.72 11.43
C LEU B 161 -18.37 -35.05 11.29
N GLN B 162 -19.13 -36.10 11.01
CA GLN B 162 -18.57 -37.43 10.93
C GLN B 162 -19.50 -38.34 10.14
N THR B 163 -18.92 -39.39 9.58
CA THR B 163 -19.68 -40.48 9.00
C THR B 163 -20.02 -41.50 10.07
N PRO B 164 -21.04 -42.35 9.84
CA PRO B 164 -21.32 -43.39 10.84
C PRO B 164 -20.12 -44.32 11.09
N ASP B 165 -19.39 -44.68 10.02
CA ASP B 165 -18.19 -45.55 10.15
C ASP B 165 -17.04 -44.78 10.81
N LYS B 166 -17.15 -43.45 10.89
CA LYS B 166 -16.12 -42.60 11.48
C LYS B 166 -14.78 -42.80 10.78
N SER B 167 -14.78 -43.25 9.53
CA SER B 167 -13.60 -43.14 8.68
C SER B 167 -13.39 -41.72 8.18
N TRP B 168 -14.44 -40.91 8.17
CA TRP B 168 -14.37 -39.52 7.75
C TRP B 168 -14.85 -38.65 8.90
N THR B 169 -14.01 -37.71 9.29
CA THR B 169 -14.33 -36.77 10.35
C THR B 169 -13.72 -35.43 9.98
N ASN B 170 -14.43 -34.35 10.27
CA ASN B 170 -14.00 -33.04 9.81
C ASN B 170 -14.31 -31.97 10.85
N TRP B 171 -13.34 -31.10 11.06
CA TRP B 171 -13.50 -29.88 11.84
C TRP B 171 -13.49 -28.70 10.88
N SER B 172 -14.59 -27.95 10.84
CA SER B 172 -14.77 -26.87 9.88
C SER B 172 -14.94 -25.54 10.59
N ILE B 173 -14.59 -24.47 9.87
CA ILE B 173 -14.69 -23.10 10.36
C ILE B 173 -15.65 -22.27 9.52
N ALA B 174 -16.52 -22.92 8.76
CA ALA B 174 -17.47 -22.19 7.93
C ALA B 174 -18.39 -21.34 8.80
N ARG B 175 -18.91 -20.27 8.20
N ARG B 175 -18.90 -20.26 8.21
CA ARG B 175 -19.74 -19.33 8.93
CA ARG B 175 -19.72 -19.33 8.97
C ARG B 175 -21.11 -19.94 9.24
C ARG B 175 -21.10 -19.92 9.24
N GLY B 176 -21.67 -19.55 10.39
CA GLY B 176 -22.96 -20.04 10.81
C GLY B 176 -23.90 -18.93 11.22
N MET B 177 -25.07 -18.88 10.61
CA MET B 177 -26.04 -17.81 10.80
C MET B 177 -27.27 -18.36 11.51
N VAL B 178 -27.87 -17.53 12.37
CA VAL B 178 -29.08 -17.93 13.08
C VAL B 178 -30.27 -17.79 12.15
N VAL B 179 -31.03 -18.87 11.99
CA VAL B 179 -32.22 -18.85 11.14
C VAL B 179 -33.46 -18.48 11.94
N ASP B 180 -33.71 -19.17 13.06
CA ASP B 180 -34.84 -18.84 13.92
C ASP B 180 -34.52 -19.33 15.33
N ASP B 181 -35.57 -19.53 16.15
CA ASP B 181 -35.37 -19.92 17.53
C ASP B 181 -34.69 -21.26 17.69
N LYS B 182 -34.76 -22.12 16.67
CA LYS B 182 -34.27 -23.48 16.77
C LYS B 182 -33.32 -23.90 15.66
N HIS B 183 -33.01 -23.02 14.71
CA HIS B 183 -32.28 -23.43 13.53
C HIS B 183 -31.18 -22.44 13.19
N ILE B 184 -30.05 -22.98 12.73
CA ILE B 184 -28.98 -22.18 12.14
C ILE B 184 -28.72 -22.70 10.73
N THR B 185 -27.83 -22.04 10.00
CA THR B 185 -27.50 -22.50 8.66
C THR B 185 -26.07 -22.12 8.33
N GLY B 186 -25.51 -22.79 7.32
CA GLY B 186 -24.17 -22.55 6.85
C GLY B 186 -23.71 -23.56 5.81
N LEU B 187 -22.67 -23.23 5.04
CA LEU B 187 -22.11 -24.16 4.07
C LEU B 187 -20.89 -24.80 4.74
N VAL B 188 -21.17 -25.83 5.55
CA VAL B 188 -20.12 -26.39 6.38
C VAL B 188 -19.31 -27.45 5.63
N ILE B 189 -19.92 -28.13 4.66
CA ILE B 189 -19.26 -29.19 3.91
C ILE B 189 -19.09 -28.74 2.47
N ASN B 190 -17.88 -28.92 1.95
CA ASN B 190 -17.62 -28.59 0.56
C ASN B 190 -18.26 -29.65 -0.33
N PRO B 191 -18.71 -29.26 -1.53
CA PRO B 191 -19.35 -30.24 -2.43
C PRO B 191 -18.48 -31.42 -2.79
N GLN B 192 -17.18 -31.37 -2.50
CA GLN B 192 -16.31 -32.52 -2.77
C GLN B 192 -16.65 -33.68 -1.84
N HIS B 193 -16.83 -33.40 -0.55
CA HIS B 193 -16.97 -34.45 0.45
C HIS B 193 -18.41 -34.78 0.79
N ILE B 194 -19.39 -34.18 0.11
CA ILE B 194 -20.77 -34.66 0.22
C ILE B 194 -20.88 -36.03 -0.40
N ARG B 195 -19.85 -36.43 -1.17
CA ARG B 195 -19.77 -37.70 -1.87
CA ARG B 195 -19.85 -37.70 -1.90
C ARG B 195 -19.96 -38.90 -0.97
N GLN B 196 -19.80 -38.73 0.33
CA GLN B 196 -19.76 -39.86 1.25
C GLN B 196 -20.48 -39.65 2.57
N VAL B 197 -21.11 -38.50 2.80
CA VAL B 197 -21.76 -38.21 4.07
C VAL B 197 -23.28 -38.37 3.99
N ALA B 198 -23.90 -37.96 2.88
CA ALA B 198 -25.35 -38.12 2.75
C ALA B 198 -25.70 -39.59 2.56
N ASP B 199 -24.96 -40.29 1.70
CA ASP B 199 -25.24 -41.70 1.44
C ASP B 199 -24.95 -42.56 2.67
N ALA B 200 -23.90 -42.22 3.42
CA ALA B 200 -23.54 -43.03 4.58
C ALA B 200 -24.62 -42.95 5.66
N TRP B 201 -25.14 -41.75 5.93
CA TRP B 201 -26.19 -41.62 6.93
C TRP B 201 -27.54 -42.05 6.40
N ALA B 202 -27.75 -41.97 5.08
CA ALA B 202 -29.00 -42.48 4.51
C ALA B 202 -29.08 -44.00 4.62
N ALA B 203 -27.93 -44.68 4.65
CA ALA B 203 -27.93 -46.13 4.74
C ALA B 203 -28.51 -46.61 6.06
N ILE B 204 -28.45 -45.76 7.09
CA ILE B 204 -29.03 -46.05 8.39
C ILE B 204 -30.42 -45.42 8.54
N GLY B 205 -30.86 -44.66 7.55
CA GLY B 205 -32.12 -43.95 7.66
C GLY B 205 -31.99 -42.58 8.25
N LYS B 206 -30.78 -42.03 8.30
CA LYS B 206 -30.52 -40.73 8.91
C LYS B 206 -29.94 -39.73 7.92
N GLY B 207 -30.04 -40.01 6.62
CA GLY B 207 -29.64 -39.02 5.63
CA GLY B 207 -29.64 -39.02 5.63
C GLY B 207 -30.46 -37.75 5.70
N ASP B 208 -31.66 -37.81 6.30
CA ASP B 208 -32.52 -36.67 6.52
C ASP B 208 -32.13 -35.88 7.76
N LYS B 209 -31.22 -36.42 8.59
CA LYS B 209 -30.79 -35.76 9.83
C LYS B 209 -29.37 -36.24 10.16
N ILE B 210 -28.38 -35.55 9.59
CA ILE B 210 -26.97 -35.86 9.84
C ILE B 210 -26.55 -35.18 11.14
N PRO B 211 -26.02 -35.92 12.11
CA PRO B 211 -25.70 -35.30 13.40
C PRO B 211 -24.49 -34.39 13.29
N PHE B 212 -24.58 -33.24 13.96
CA PHE B 212 -23.49 -32.27 13.96
C PHE B 212 -23.27 -31.76 15.38
N ALA B 213 -22.08 -31.20 15.59
CA ALA B 213 -21.75 -30.48 16.80
C ALA B 213 -21.08 -29.17 16.41
N LEU B 214 -21.39 -28.10 17.13
CA LEU B 214 -20.81 -26.79 16.88
C LEU B 214 -20.28 -26.25 18.20
N CYS B 215 -18.98 -26.00 18.26
CA CYS B 215 -18.30 -25.66 19.49
C CYS B 215 -17.72 -24.25 19.41
N PHE B 216 -17.82 -23.52 20.52
CA PHE B 216 -17.26 -22.18 20.63
C PHE B 216 -16.36 -22.10 21.86
N GLY B 217 -15.39 -21.20 21.80
CA GLY B 217 -14.41 -21.14 22.87
C GLY B 217 -13.58 -22.39 23.01
N VAL B 218 -13.29 -23.06 21.91
CA VAL B 218 -12.46 -24.27 21.91
C VAL B 218 -11.03 -23.90 22.27
N PRO B 219 -10.17 -24.86 22.59
CA PRO B 219 -8.75 -24.56 22.70
C PRO B 219 -8.27 -23.77 21.49
N PRO B 220 -7.59 -22.64 21.71
CA PRO B 220 -7.19 -21.80 20.57
C PRO B 220 -6.33 -22.52 19.54
N ALA B 221 -5.62 -23.58 19.94
CA ALA B 221 -4.91 -24.37 18.94
C ALA B 221 -5.88 -25.15 18.06
N ALA B 222 -7.05 -25.50 18.59
CA ALA B 222 -8.04 -26.19 17.77
C ALA B 222 -8.64 -25.26 16.72
N ILE B 223 -8.92 -24.00 17.09
CA ILE B 223 -9.46 -23.05 16.14
C ILE B 223 -8.43 -22.67 15.09
N LEU B 224 -7.14 -22.90 15.36
CA LEU B 224 -6.07 -22.59 14.42
C LEU B 224 -5.80 -23.73 13.43
N VAL B 225 -5.92 -24.99 13.88
CA VAL B 225 -5.70 -26.10 12.97
C VAL B 225 -6.86 -26.27 12.01
N SER B 226 -8.08 -26.03 12.49
CA SER B 226 -9.25 -26.17 11.63
C SER B 226 -9.35 -25.04 10.63
N SER B 227 -8.75 -23.89 10.93
CA SER B 227 -8.66 -22.77 10.00
C SER B 227 -7.40 -22.84 9.14
N MET B 228 -6.68 -23.96 9.21
CA MET B 228 -5.41 -24.14 8.49
C MET B 228 -5.61 -25.07 7.31
N PRO B 229 -5.08 -24.75 6.14
CA PRO B 229 -5.29 -25.59 4.95
C PRO B 229 -4.34 -26.78 4.88
N ILE B 230 -4.58 -27.79 5.73
CA ILE B 230 -3.73 -28.99 5.73
C ILE B 230 -3.81 -29.72 4.39
N ILE B 240 -3.53 -31.92 16.17
CA ILE B 240 -3.62 -30.83 17.13
C ILE B 240 -2.71 -31.15 18.32
N GLY B 241 -2.87 -32.34 18.90
CA GLY B 241 -2.13 -32.70 20.11
C GLY B 241 -0.63 -32.57 19.95
N ALA B 242 -0.13 -32.64 18.71
CA ALA B 242 1.29 -32.41 18.46
C ALA B 242 1.67 -30.98 18.77
N LEU B 243 0.86 -30.02 18.31
CA LEU B 243 1.10 -28.62 18.64
C LEU B 243 1.01 -28.37 20.13
N LEU B 244 0.10 -29.09 20.81
CA LEU B 244 -0.11 -28.89 22.24
C LEU B 244 1.02 -29.50 23.05
N GLY B 245 1.62 -30.59 22.58
CA GLY B 245 2.48 -31.41 23.39
C GLY B 245 1.76 -32.33 24.34
N GLU B 246 0.43 -32.36 24.29
CA GLU B 246 -0.39 -33.17 25.19
C GLU B 246 -1.55 -33.75 24.40
N SER B 247 -2.29 -34.66 25.06
CA SER B 247 -3.49 -35.23 24.47
C SER B 247 -4.67 -34.28 24.70
N LEU B 248 -5.40 -34.00 23.63
CA LEU B 248 -6.56 -33.11 23.73
C LEU B 248 -7.67 -33.79 24.53
N PRO B 249 -8.16 -33.18 25.60
CA PRO B 249 -9.30 -33.76 26.34
C PRO B 249 -10.60 -33.52 25.58
N VAL B 250 -11.31 -34.60 25.29
CA VAL B 250 -12.57 -34.53 24.55
C VAL B 250 -13.66 -35.22 25.36
N VAL B 251 -14.92 -34.92 25.00
CA VAL B 251 -16.07 -35.49 25.68
C VAL B 251 -17.17 -35.73 24.65
N LYS B 252 -17.97 -36.77 24.90
CA LYS B 252 -19.03 -37.13 23.96
C LYS B 252 -20.20 -36.17 24.08
N CYS B 253 -20.84 -35.88 22.94
CA CYS B 253 -22.02 -35.04 22.95
C CYS B 253 -23.17 -35.71 23.69
N GLU B 254 -24.18 -34.91 24.02
CA GLU B 254 -25.34 -35.42 24.74
C GLU B 254 -26.25 -36.25 23.84
N THR B 255 -26.35 -35.88 22.56
CA THR B 255 -27.32 -36.49 21.66
C THR B 255 -26.70 -37.24 20.48
N ASN B 256 -25.38 -37.35 20.42
CA ASN B 256 -24.73 -38.13 19.36
C ASN B 256 -23.35 -38.54 19.84
N ASP B 257 -22.65 -39.30 19.00
CA ASP B 257 -21.35 -39.87 19.34
C ASP B 257 -20.18 -39.00 18.91
N LEU B 258 -20.42 -37.71 18.62
CA LEU B 258 -19.34 -36.82 18.24
C LEU B 258 -18.52 -36.41 19.45
N MET B 259 -17.21 -36.33 19.27
CA MET B 259 -16.30 -35.92 20.33
C MET B 259 -15.96 -34.44 20.16
N VAL B 260 -16.16 -33.67 21.22
CA VAL B 260 -15.92 -32.23 21.20
C VAL B 260 -14.90 -31.89 22.28
N PRO B 261 -14.15 -30.80 22.13
CA PRO B 261 -13.16 -30.44 23.16
C PRO B 261 -13.83 -30.22 24.52
N ALA B 262 -13.19 -30.78 25.56
CA ALA B 262 -13.80 -30.79 26.88
C ALA B 262 -13.93 -29.39 27.47
N THR B 263 -12.97 -28.50 27.18
CA THR B 263 -12.95 -27.17 27.75
C THR B 263 -13.68 -26.14 26.90
N SER B 264 -14.55 -26.59 25.98
CA SER B 264 -15.30 -25.67 25.15
C SER B 264 -16.23 -24.82 26.00
N GLU B 265 -16.42 -23.56 25.58
CA GLU B 265 -17.33 -22.68 26.31
C GLU B 265 -18.78 -23.04 26.03
N ILE B 266 -19.13 -23.20 24.75
CA ILE B 266 -20.50 -23.49 24.33
C ILE B 266 -20.46 -24.59 23.28
N VAL B 267 -21.43 -25.51 23.34
CA VAL B 267 -21.50 -26.63 22.42
C VAL B 267 -22.93 -26.75 21.91
N PHE B 268 -23.12 -26.54 20.61
CA PHE B 268 -24.40 -26.78 19.97
C PHE B 268 -24.45 -28.20 19.42
N GLU B 269 -25.63 -28.82 19.52
CA GLU B 269 -25.83 -30.18 19.02
C GLU B 269 -27.14 -30.25 18.25
N GLY B 270 -27.17 -31.11 17.24
CA GLY B 270 -28.39 -31.29 16.47
C GLY B 270 -28.13 -32.08 15.21
N THR B 271 -29.03 -31.90 14.25
CA THR B 271 -29.01 -32.66 13.00
C THR B 271 -29.07 -31.72 11.81
N LEU B 272 -28.61 -32.23 10.66
CA LEU B 272 -28.49 -31.47 9.43
C LEU B 272 -29.26 -32.18 8.33
N ASP B 273 -30.05 -31.41 7.58
CA ASP B 273 -30.74 -31.89 6.39
C ASP B 273 -30.18 -31.16 5.18
N LEU B 274 -29.51 -31.90 4.29
CA LEU B 274 -28.93 -31.34 3.08
C LEU B 274 -29.98 -30.96 2.04
N ASN B 275 -31.26 -31.20 2.29
CA ASN B 275 -32.32 -30.89 1.35
C ASN B 275 -33.18 -29.70 1.76
N ASP B 276 -33.31 -29.42 3.07
CA ASP B 276 -34.11 -28.30 3.55
C ASP B 276 -33.28 -27.01 3.43
N LEU B 277 -33.14 -26.55 2.19
CA LEU B 277 -32.29 -25.42 1.90
C LEU B 277 -32.97 -24.12 2.34
N VAL B 278 -32.17 -23.20 2.90
CA VAL B 278 -32.67 -21.93 3.41
C VAL B 278 -31.71 -20.83 3.05
N PRO B 279 -32.21 -19.62 2.83
CA PRO B 279 -31.32 -18.49 2.51
C PRO B 279 -30.31 -18.24 3.62
N GLU B 280 -29.04 -18.18 3.24
CA GLU B 280 -27.95 -17.86 4.15
C GLU B 280 -27.20 -16.63 3.64
N GLY B 281 -26.90 -15.72 4.55
CA GLY B 281 -26.16 -14.53 4.20
C GLY B 281 -27.05 -13.42 3.66
N PRO B 282 -26.43 -12.36 3.14
CA PRO B 282 -24.99 -12.14 2.99
C PRO B 282 -24.27 -11.84 4.31
N PHE B 283 -22.94 -11.79 4.26
CA PHE B 283 -22.14 -11.57 5.46
C PHE B 283 -20.89 -10.80 5.07
N GLY B 284 -20.57 -9.75 5.83
CA GLY B 284 -19.33 -9.02 5.62
C GLY B 284 -18.13 -9.94 5.71
N GLU B 285 -17.27 -9.95 4.67
CA GLU B 285 -16.23 -10.96 4.63
C GLU B 285 -14.80 -10.45 4.54
N MET B 286 -13.87 -11.37 4.27
CA MET B 286 -12.44 -11.11 4.40
C MET B 286 -11.95 -10.02 3.46
N HIS B 287 -12.72 -9.67 2.43
CA HIS B 287 -12.29 -8.69 1.45
C HIS B 287 -12.86 -7.31 1.70
N GLY B 288 -13.62 -7.14 2.79
CA GLY B 288 -14.09 -5.82 3.19
C GLY B 288 -15.46 -5.44 2.71
N TYR B 289 -16.26 -6.39 2.22
CA TYR B 289 -17.56 -6.09 1.62
C TYR B 289 -18.64 -6.97 2.20
N VAL B 290 -19.84 -6.41 2.28
CA VAL B 290 -21.07 -7.17 2.29
C VAL B 290 -21.95 -6.61 1.19
N PHE B 291 -22.51 -7.49 0.37
CA PHE B 291 -23.36 -7.06 -0.74
C PHE B 291 -24.81 -7.39 -0.38
N PRO B 292 -25.59 -6.41 0.07
CA PRO B 292 -26.96 -6.70 0.52
C PRO B 292 -27.80 -7.31 -0.58
N GLY B 293 -28.69 -8.20 -0.17
N GLY B 293 -28.62 -8.28 -0.19
CA GLY B 293 -29.64 -8.80 -1.10
CA GLY B 293 -29.43 -9.01 -1.14
C GLY B 293 -30.11 -10.13 -0.55
C GLY B 293 -28.76 -10.20 -1.81
N GLN B 294 -30.73 -10.90 -1.44
N GLN B 294 -27.50 -10.49 -1.47
CA GLN B 294 -31.06 -12.28 -1.09
CA GLN B 294 -26.83 -11.61 -2.11
C GLN B 294 -29.79 -13.07 -0.81
C GLN B 294 -26.73 -12.83 -1.20
N GLY B 295 -29.92 -14.10 0.01
N GLY B 295 -27.88 -13.37 -0.78
CA GLY B 295 -28.81 -14.97 0.32
CA GLY B 295 -27.90 -14.61 -0.06
C GLY B 295 -28.61 -16.02 -0.76
C GLY B 295 -27.84 -15.81 -1.00
N HIS B 296 -27.79 -17.01 -0.41
CA HIS B 296 -27.61 -18.20 -1.22
CA HIS B 296 -27.65 -18.21 -1.22
C HIS B 296 -28.11 -19.43 -0.45
N PRO B 297 -28.83 -20.35 -1.09
CA PRO B 297 -29.43 -21.47 -0.36
C PRO B 297 -28.37 -22.34 0.32
N CYS B 298 -28.63 -22.66 1.59
CA CYS B 298 -27.75 -23.48 2.41
C CYS B 298 -28.59 -24.45 3.23
N PRO B 299 -28.02 -25.59 3.60
CA PRO B 299 -28.81 -26.59 4.33
C PRO B 299 -29.16 -26.12 5.73
N LEU B 300 -30.31 -26.60 6.22
CA LEU B 300 -30.85 -26.16 7.50
C LEU B 300 -30.35 -27.06 8.62
N TYR B 301 -29.90 -26.44 9.71
CA TYR B 301 -29.38 -27.16 10.87
C TYR B 301 -30.35 -26.98 12.04
N THR B 302 -30.88 -28.08 12.54
CA THR B 302 -31.73 -28.08 13.72
C THR B 302 -30.87 -28.26 14.96
N VAL B 303 -31.08 -27.37 15.94
CA VAL B 303 -30.31 -27.40 17.18
C VAL B 303 -31.19 -28.07 18.25
N ASN B 304 -30.76 -29.24 18.71
CA ASN B 304 -31.52 -30.01 19.70
C ASN B 304 -31.03 -29.83 21.13
N ALA B 305 -29.74 -29.56 21.32
CA ALA B 305 -29.20 -29.46 22.67
C ALA B 305 -28.10 -28.41 22.69
N ILE B 306 -27.95 -27.76 23.85
CA ILE B 306 -26.89 -26.78 24.09
C ILE B 306 -26.30 -27.05 25.46
N THR B 307 -25.00 -27.34 25.50
CA THR B 307 -24.26 -27.45 26.75
C THR B 307 -23.24 -26.32 26.81
N TYR B 308 -23.03 -25.77 28.00
CA TYR B 308 -22.21 -24.57 28.10
C TYR B 308 -21.65 -24.45 29.51
N ARG B 309 -20.50 -23.78 29.61
CA ARG B 309 -19.89 -23.53 30.91
C ARG B 309 -20.66 -22.44 31.65
N ASN B 310 -20.45 -22.38 32.97
CA ASN B 310 -20.86 -21.21 33.72
C ASN B 310 -20.11 -20.00 33.22
N ASN B 311 -20.82 -18.88 33.09
CA ASN B 311 -20.23 -17.62 32.60
C ASN B 311 -19.58 -17.82 31.24
N ALA B 312 -20.32 -18.46 30.32
CA ALA B 312 -19.75 -18.85 29.03
C ALA B 312 -19.36 -17.63 28.21
N ILE B 313 -18.33 -17.79 27.39
CA ILE B 313 -17.78 -16.74 26.56
C ILE B 313 -17.84 -17.19 25.10
N LEU B 314 -18.34 -16.33 24.23
CA LEU B 314 -18.41 -16.64 22.81
C LEU B 314 -17.39 -15.80 22.05
N PRO B 315 -16.31 -16.38 21.53
CA PRO B 315 -15.40 -15.61 20.68
C PRO B 315 -16.01 -15.39 19.30
N VAL B 316 -15.84 -14.18 18.78
CA VAL B 316 -16.36 -13.82 17.47
C VAL B 316 -15.26 -13.20 16.62
N SER B 317 -15.38 -13.38 15.31
CA SER B 317 -14.55 -12.69 14.34
C SER B 317 -15.47 -11.81 13.49
N ASN B 318 -15.05 -10.57 13.26
CA ASN B 318 -15.83 -9.60 12.49
C ASN B 318 -15.02 -9.22 11.25
N PRO B 319 -15.11 -10.01 10.18
CA PRO B 319 -14.27 -9.78 9.01
C PRO B 319 -14.60 -8.49 8.30
N GLY B 320 -13.60 -7.94 7.63
CA GLY B 320 -13.74 -6.71 6.87
C GLY B 320 -12.41 -6.33 6.24
N LEU B 321 -12.12 -5.03 6.21
CA LEU B 321 -10.80 -4.61 5.78
C LEU B 321 -9.75 -5.11 6.76
N CYS B 322 -8.50 -5.14 6.29
CA CYS B 322 -7.39 -5.50 7.15
C CYS B 322 -7.33 -4.58 8.36
N THR B 323 -6.95 -5.12 9.51
CA THR B 323 -6.54 -6.51 9.64
C THR B 323 -7.32 -7.23 10.74
N ASP B 324 -7.88 -8.39 10.42
CA ASP B 324 -8.62 -9.20 11.37
C ASP B 324 -8.19 -10.66 11.25
N GLU B 325 -9.01 -11.56 11.81
CA GLU B 325 -8.67 -12.98 11.86
C GLU B 325 -8.59 -13.58 10.47
N THR B 326 -9.42 -13.11 9.54
CA THR B 326 -9.41 -13.63 8.18
C THR B 326 -8.12 -13.28 7.43
N HIS B 327 -7.29 -12.41 7.99
CA HIS B 327 -6.01 -12.05 7.41
C HIS B 327 -4.82 -12.55 8.20
N THR B 328 -4.88 -12.44 9.53
CA THR B 328 -3.78 -12.94 10.36
C THR B 328 -3.74 -14.45 10.37
N LEU B 329 -4.90 -15.11 10.51
CA LEU B 329 -4.94 -16.56 10.65
C LEU B 329 -5.10 -17.26 9.31
N ILE B 330 -6.19 -16.97 8.60
CA ILE B 330 -6.43 -17.62 7.31
C ILE B 330 -5.26 -17.39 6.37
N GLY B 331 -4.91 -16.13 6.14
CA GLY B 331 -3.78 -15.84 5.28
C GLY B 331 -2.47 -16.32 5.86
N GLY B 332 -2.28 -16.15 7.16
CA GLY B 332 -1.03 -16.55 7.79
C GLY B 332 -0.80 -18.05 7.73
N LEU B 333 -1.88 -18.83 7.72
CA LEU B 333 -1.74 -20.27 7.64
C LEU B 333 -1.62 -20.75 6.20
N VAL B 334 -2.22 -20.02 5.26
CA VAL B 334 -1.93 -20.22 3.85
C VAL B 334 -0.45 -19.99 3.59
N SER B 335 0.12 -18.98 4.23
CA SER B 335 1.55 -18.68 4.07
C SER B 335 2.41 -19.84 4.56
N ALA B 336 2.03 -20.45 5.69
CA ALA B 336 2.80 -21.57 6.22
C ALA B 336 2.74 -22.77 5.28
N GLU B 337 1.56 -23.08 4.76
CA GLU B 337 1.44 -24.18 3.81
CA GLU B 337 1.44 -24.18 3.81
C GLU B 337 2.06 -23.84 2.46
N ALA B 338 2.04 -22.55 2.08
CA ALA B 338 2.70 -22.14 0.85
C ALA B 338 4.20 -22.39 0.93
N LYS B 339 4.81 -22.11 2.08
CA LYS B 339 6.23 -22.38 2.26
C LYS B 339 6.51 -23.87 2.21
N GLN B 340 5.68 -24.68 2.88
CA GLN B 340 5.87 -26.13 2.86
C GLN B 340 5.75 -26.68 1.44
N LEU B 341 4.82 -26.12 0.65
CA LEU B 341 4.71 -26.53 -0.75
C LEU B 341 6.02 -26.27 -1.50
N ALA B 342 6.63 -25.11 -1.27
CA ALA B 342 7.86 -24.76 -1.97
C ALA B 342 8.98 -25.74 -1.66
N ILE B 343 9.11 -26.14 -0.39
CA ILE B 343 10.15 -27.09 -0.02
C ILE B 343 9.85 -28.46 -0.60
N GLU B 344 8.57 -28.81 -0.75
CA GLU B 344 8.20 -30.10 -1.30
CA GLU B 344 8.22 -30.11 -1.29
C GLU B 344 8.52 -30.19 -2.78
N HIS B 345 8.33 -29.09 -3.52
CA HIS B 345 8.58 -29.07 -4.95
C HIS B 345 9.96 -28.54 -5.31
N GLY B 346 10.78 -28.19 -4.32
CA GLY B 346 12.12 -27.70 -4.60
C GLY B 346 12.17 -26.30 -5.15
N VAL B 347 11.21 -25.45 -4.81
CA VAL B 347 11.19 -24.06 -5.25
C VAL B 347 12.01 -23.24 -4.27
N PRO B 348 13.04 -22.51 -4.71
CA PRO B 348 13.89 -21.77 -3.77
C PRO B 348 13.19 -20.59 -3.14
N ILE B 349 12.26 -20.86 -2.23
CA ILE B 349 11.50 -19.82 -1.53
C ILE B 349 12.07 -19.66 -0.13
N LEU B 350 12.47 -18.44 0.22
CA LEU B 350 12.95 -18.18 1.57
C LEU B 350 11.79 -17.98 2.54
N ASP B 351 10.75 -17.26 2.12
CA ASP B 351 9.59 -16.99 2.95
C ASP B 351 8.38 -16.78 2.07
N ALA B 352 7.20 -17.09 2.62
CA ALA B 352 5.92 -16.86 1.96
C ALA B 352 5.01 -16.12 2.91
N PHE B 353 4.22 -15.19 2.36
CA PHE B 353 3.34 -14.38 3.20
C PHE B 353 2.23 -13.79 2.36
N THR B 354 1.08 -13.58 3.00
CA THR B 354 -0.08 -12.94 2.38
C THR B 354 -0.21 -11.53 2.95
N PRO B 355 0.17 -10.50 2.20
CA PRO B 355 0.04 -9.13 2.72
C PRO B 355 -1.40 -8.81 3.08
N TYR B 356 -1.61 -8.35 4.33
CA TYR B 356 -2.95 -8.05 4.80
C TYR B 356 -3.59 -6.92 4.02
N GLU B 357 -2.79 -5.96 3.54
CA GLU B 357 -3.32 -4.85 2.77
C GLU B 357 -3.96 -5.31 1.46
N ALA B 358 -3.64 -6.51 1.01
CA ALA B 358 -4.27 -7.09 -0.18
C ALA B 358 -5.46 -7.98 0.16
N GLN B 359 -5.90 -7.99 1.43
CA GLN B 359 -7.09 -8.71 1.85
C GLN B 359 -6.98 -10.21 1.58
N ALA B 360 -5.78 -10.76 1.82
CA ALA B 360 -5.47 -12.18 1.64
C ALA B 360 -5.66 -12.64 0.18
N LEU B 361 -5.70 -11.72 -0.77
CA LEU B 361 -5.75 -12.07 -2.18
C LEU B 361 -4.38 -12.20 -2.81
N TRP B 362 -3.35 -11.64 -2.18
CA TRP B 362 -1.98 -11.72 -2.69
C TRP B 362 -1.19 -12.74 -1.89
N LEU B 363 -0.31 -13.47 -2.59
CA LEU B 363 0.66 -14.36 -1.97
C LEU B 363 2.04 -13.95 -2.46
N ALA B 364 2.85 -13.38 -1.57
CA ALA B 364 4.20 -12.96 -1.91
C ALA B 364 5.18 -14.09 -1.61
N LEU B 365 6.04 -14.40 -2.58
CA LEU B 365 7.06 -15.41 -2.44
C LEU B 365 8.42 -14.75 -2.52
N LYS B 366 9.24 -14.94 -1.49
CA LYS B 366 10.58 -14.37 -1.42
C LYS B 366 11.57 -15.40 -1.96
N VAL B 367 12.18 -15.11 -3.10
CA VAL B 367 13.00 -16.07 -3.84
C VAL B 367 14.46 -15.88 -3.47
N ASP B 368 15.13 -16.99 -3.13
CA ASP B 368 16.58 -17.01 -3.03
C ASP B 368 17.16 -16.87 -4.43
N LEU B 369 17.74 -15.70 -4.72
CA LEU B 369 18.15 -15.41 -6.09
C LEU B 369 19.32 -16.28 -6.53
N LYS B 370 20.25 -16.59 -5.63
CA LYS B 370 21.39 -17.41 -6.00
CA LYS B 370 21.39 -17.41 -6.00
C LYS B 370 20.97 -18.82 -6.39
N LYS B 371 20.05 -19.40 -5.61
CA LYS B 371 19.54 -20.72 -5.97
C LYS B 371 18.67 -20.66 -7.22
N LEU B 372 17.94 -19.55 -7.41
CA LEU B 372 17.16 -19.36 -8.63
C LEU B 372 18.06 -19.36 -9.85
N GLN B 373 19.22 -18.70 -9.75
CA GLN B 373 20.16 -18.65 -10.87
C GLN B 373 20.72 -20.04 -11.19
N ALA B 374 20.85 -20.89 -10.18
CA ALA B 374 21.33 -22.25 -10.40
C ALA B 374 20.32 -23.11 -11.14
N LEU B 375 19.04 -22.72 -11.13
CA LEU B 375 18.02 -23.50 -11.82
C LEU B 375 18.07 -23.33 -13.33
N LYS B 376 18.74 -22.27 -13.82
CA LYS B 376 18.87 -22.02 -15.25
C LYS B 376 17.50 -21.90 -15.91
N THR B 377 16.66 -21.03 -15.37
CA THR B 377 15.30 -20.83 -15.85
C THR B 377 15.10 -19.36 -16.21
N ASN B 378 13.85 -18.96 -16.41
CA ASN B 378 13.51 -17.64 -16.89
C ASN B 378 12.16 -17.24 -16.29
N PRO B 379 11.83 -15.94 -16.33
CA PRO B 379 10.56 -15.49 -15.69
C PRO B 379 9.32 -16.24 -16.14
N LYS B 380 9.12 -16.40 -17.45
CA LYS B 380 7.91 -17.08 -17.93
C LYS B 380 7.87 -18.53 -17.46
N GLU B 381 8.99 -19.25 -17.61
CA GLU B 381 9.04 -20.66 -17.24
C GLU B 381 8.89 -20.85 -15.74
N PHE B 382 9.47 -19.94 -14.95
CA PHE B 382 9.39 -20.07 -13.49
C PHE B 382 8.01 -19.69 -12.98
N SER B 383 7.40 -18.65 -13.56
CA SER B 383 6.08 -18.22 -13.11
C SER B 383 5.01 -19.26 -13.41
N LYS B 384 5.05 -19.87 -14.60
CA LYS B 384 4.10 -20.92 -14.94
CA LYS B 384 4.10 -20.92 -14.94
C LYS B 384 4.22 -22.09 -13.99
N LYS B 385 5.45 -22.50 -13.66
CA LYS B 385 5.67 -23.59 -12.73
C LYS B 385 5.10 -23.25 -11.35
N VAL B 386 5.36 -22.03 -10.87
CA VAL B 386 4.88 -21.62 -9.56
C VAL B 386 3.35 -21.59 -9.54
N GLY B 387 2.74 -20.99 -10.56
CA GLY B 387 1.30 -20.94 -10.61
C GLY B 387 0.65 -22.32 -10.72
N ASP B 388 1.31 -23.23 -11.46
CA ASP B 388 0.80 -24.58 -11.56
C ASP B 388 0.81 -25.29 -10.21
N ILE B 389 1.84 -25.01 -9.39
CA ILE B 389 1.94 -25.67 -8.09
C ILE B 389 0.92 -25.09 -7.11
N TYR B 390 0.77 -23.77 -7.09
CA TYR B 390 -0.01 -23.12 -6.05
C TYR B 390 -1.48 -22.95 -6.43
N PHE B 391 -1.78 -22.59 -7.68
CA PHE B 391 -3.17 -22.37 -8.06
C PHE B 391 -3.95 -23.67 -8.24
N ARG B 392 -3.26 -24.81 -8.38
CA ARG B 392 -3.91 -26.11 -8.43
C ARG B 392 -3.75 -26.87 -7.13
N SER B 393 -3.53 -26.15 -6.03
CA SER B 393 -3.52 -26.71 -4.70
C SER B 393 -4.58 -26.02 -3.86
N LYS B 394 -4.98 -26.66 -2.76
CA LYS B 394 -5.97 -26.05 -1.88
C LYS B 394 -5.47 -24.79 -1.20
N VAL B 395 -4.16 -24.61 -1.08
CA VAL B 395 -3.64 -23.44 -0.38
C VAL B 395 -3.77 -22.19 -1.23
N GLY B 396 -3.71 -22.33 -2.55
CA GLY B 396 -3.81 -21.21 -3.46
C GLY B 396 -5.22 -20.91 -3.92
N PHE B 397 -6.22 -21.55 -3.33
CA PHE B 397 -7.61 -21.34 -3.74
C PHE B 397 -8.03 -19.89 -3.51
N ILE B 398 -7.69 -19.33 -2.35
CA ILE B 398 -8.08 -17.95 -2.06
C ILE B 398 -7.15 -16.94 -2.70
N ILE B 399 -5.97 -17.36 -3.15
CA ILE B 399 -4.97 -16.45 -3.71
C ILE B 399 -5.27 -16.24 -5.19
N HIS B 400 -5.45 -14.99 -5.59
CA HIS B 400 -5.68 -14.65 -6.99
C HIS B 400 -4.47 -14.02 -7.68
N GLU B 401 -3.46 -13.58 -6.94
CA GLU B 401 -2.25 -13.05 -7.56
C GLU B 401 -1.05 -13.45 -6.71
N ILE B 402 -0.12 -14.18 -7.34
CA ILE B 402 1.15 -14.56 -6.72
C ILE B 402 2.20 -13.57 -7.18
N ILE B 403 3.04 -13.11 -6.24
CA ILE B 403 4.05 -12.09 -6.52
C ILE B 403 5.41 -12.66 -6.17
N LEU B 404 6.31 -12.67 -7.14
CA LEU B 404 7.68 -13.16 -6.96
C LEU B 404 8.60 -11.97 -6.73
N VAL B 405 9.33 -11.97 -5.62
CA VAL B 405 10.27 -10.91 -5.30
C VAL B 405 11.60 -11.54 -4.90
N GLY B 406 12.66 -10.74 -4.99
CA GLY B 406 13.99 -11.17 -4.63
C GLY B 406 14.25 -11.12 -3.14
N ASP B 407 15.45 -11.55 -2.76
CA ASP B 407 15.81 -11.75 -1.36
C ASP B 407 16.19 -10.47 -0.63
N ASP B 408 15.93 -9.30 -1.19
CA ASP B 408 16.14 -8.04 -0.48
C ASP B 408 14.84 -7.45 0.04
N ILE B 409 13.71 -8.09 -0.21
CA ILE B 409 12.40 -7.55 0.14
C ILE B 409 11.90 -8.25 1.40
N ASP B 410 11.54 -7.45 2.41
CA ASP B 410 10.82 -7.94 3.58
C ASP B 410 9.35 -8.06 3.21
N ILE B 411 8.91 -9.28 2.91
CA ILE B 411 7.52 -9.49 2.48
C ILE B 411 6.53 -9.32 3.62
N PHE B 412 7.00 -9.32 4.87
CA PHE B 412 6.14 -9.04 6.01
C PHE B 412 5.99 -7.55 6.27
N ASP B 413 6.64 -6.70 5.48
CA ASP B 413 6.57 -5.25 5.58
C ASP B 413 5.98 -4.74 4.28
N PHE B 414 4.73 -4.28 4.32
CA PHE B 414 4.03 -3.96 3.08
C PHE B 414 4.63 -2.76 2.37
N ARG B 415 5.34 -1.89 3.09
CA ARG B 415 6.00 -0.78 2.43
CA ARG B 415 6.02 -0.77 2.43
C ARG B 415 7.03 -1.27 1.42
N LYS B 416 7.74 -2.35 1.75
CA LYS B 416 8.70 -2.96 0.83
C LYS B 416 7.99 -3.76 -0.25
N VAL B 417 6.84 -4.37 0.07
CA VAL B 417 6.11 -5.17 -0.91
C VAL B 417 5.53 -4.28 -2.01
N ILE B 418 4.84 -3.21 -1.61
CA ILE B 418 4.24 -2.33 -2.61
C ILE B 418 5.31 -1.60 -3.41
N TRP B 419 6.48 -1.38 -2.81
CA TRP B 419 7.58 -0.76 -3.54
C TRP B 419 8.11 -1.68 -4.62
N ALA B 420 8.42 -2.93 -4.25
CA ALA B 420 8.90 -3.90 -5.24
C ALA B 420 7.83 -4.20 -6.27
N TYR B 421 6.56 -4.24 -5.86
CA TYR B 421 5.48 -4.57 -6.79
C TYR B 421 5.37 -3.52 -7.88
N THR B 422 5.32 -2.24 -7.50
CA THR B 422 5.06 -1.18 -8.48
C THR B 422 6.27 -0.90 -9.36
N THR B 423 7.49 -1.15 -8.86
CA THR B 423 8.69 -0.73 -9.56
C THR B 423 9.44 -1.87 -10.25
N ARG B 424 9.07 -3.13 -10.01
CA ARG B 424 9.86 -4.26 -10.53
C ARG B 424 9.07 -5.17 -11.46
N HIS B 425 7.82 -4.83 -11.80
CA HIS B 425 7.07 -5.62 -12.76
C HIS B 425 6.46 -4.72 -13.81
N THR B 426 6.57 -5.13 -15.06
CA THR B 426 5.92 -4.43 -16.16
C THR B 426 4.45 -4.81 -16.17
N PRO B 427 3.53 -3.85 -16.12
CA PRO B 427 2.10 -4.18 -16.15
C PRO B 427 1.74 -5.06 -17.33
N VAL B 428 0.96 -6.10 -17.06
CA VAL B 428 0.46 -7.07 -18.02
C VAL B 428 1.58 -7.95 -18.57
N ASP B 429 2.63 -7.33 -19.12
CA ASP B 429 3.68 -8.11 -19.79
C ASP B 429 4.43 -9.01 -18.82
N ASP B 430 4.55 -8.60 -17.54
CA ASP B 430 5.19 -9.42 -16.53
C ASP B 430 4.18 -10.20 -15.69
N GLN B 431 2.97 -10.40 -16.20
CA GLN B 431 1.93 -11.15 -15.51
C GLN B 431 1.55 -12.34 -16.36
N TYR B 432 1.65 -13.53 -15.78
CA TYR B 432 1.36 -14.77 -16.49
CA TYR B 432 1.38 -14.80 -16.47
C TYR B 432 0.01 -15.30 -16.02
N TYR B 433 -0.96 -15.27 -16.93
CA TYR B 433 -2.36 -15.52 -16.61
C TYR B 433 -2.68 -17.02 -16.61
N PHE B 434 -3.64 -17.39 -15.76
CA PHE B 434 -4.13 -18.76 -15.64
C PHE B 434 -5.64 -18.73 -15.81
N ASP B 435 -6.13 -19.24 -16.94
CA ASP B 435 -7.55 -19.19 -17.25
C ASP B 435 -8.31 -20.44 -16.83
N ASP B 436 -7.60 -21.52 -16.45
CA ASP B 436 -8.24 -22.80 -16.18
C ASP B 436 -8.08 -23.26 -14.73
N VAL B 437 -7.81 -22.34 -13.81
CA VAL B 437 -7.72 -22.67 -12.40
C VAL B 437 -9.02 -22.26 -11.72
N LYS B 438 -9.25 -22.80 -10.53
CA LYS B 438 -10.46 -22.49 -9.77
CA LYS B 438 -10.47 -22.48 -9.79
C LYS B 438 -10.37 -21.08 -9.18
N ALA B 439 -11.45 -20.33 -9.33
CA ALA B 439 -11.50 -18.97 -8.80
C ALA B 439 -12.16 -18.96 -7.43
N PHE B 440 -11.85 -17.91 -6.66
CA PHE B 440 -12.42 -17.70 -5.33
C PHE B 440 -13.71 -16.91 -5.48
N ALA B 441 -14.85 -17.57 -5.25
CA ALA B 441 -16.14 -16.91 -5.45
C ALA B 441 -16.35 -15.74 -4.50
N LEU B 442 -15.64 -15.72 -3.35
CA LEU B 442 -15.77 -14.60 -2.43
C LEU B 442 -15.11 -13.33 -2.95
N ALA B 443 -14.15 -13.45 -3.84
CA ALA B 443 -13.43 -12.30 -4.37
C ALA B 443 -14.41 -11.34 -5.03
N PRO B 444 -14.46 -10.07 -4.62
CA PRO B 444 -15.48 -9.16 -5.17
C PRO B 444 -15.40 -8.97 -6.68
N PHE B 445 -14.19 -8.95 -7.25
CA PHE B 445 -14.10 -8.86 -8.70
C PHE B 445 -14.57 -10.14 -9.37
N VAL B 446 -14.66 -11.25 -8.63
CA VAL B 446 -15.23 -12.47 -9.17
C VAL B 446 -16.74 -12.47 -9.02
N SER B 447 -17.24 -12.18 -7.82
CA SER B 447 -18.67 -12.28 -7.55
C SER B 447 -19.48 -11.23 -8.29
N GLN B 448 -18.88 -10.06 -8.57
CA GLN B 448 -19.57 -8.99 -9.28
C GLN B 448 -19.26 -9.00 -10.78
N SER B 449 -18.90 -10.16 -11.32
CA SER B 449 -18.60 -10.32 -12.73
C SER B 449 -19.25 -11.61 -13.23
N PRO B 450 -19.33 -11.84 -14.54
CA PRO B 450 -19.83 -13.14 -15.03
C PRO B 450 -18.98 -14.32 -14.61
N ARG B 451 -17.78 -14.08 -14.06
CA ARG B 451 -16.93 -15.18 -13.62
C ARG B 451 -17.54 -15.92 -12.43
N ILE B 452 -18.55 -15.32 -11.78
CA ILE B 452 -19.24 -16.01 -10.70
C ILE B 452 -20.07 -17.17 -11.23
N LYS B 453 -20.30 -17.23 -12.54
CA LYS B 453 -21.01 -18.35 -13.14
C LYS B 453 -20.07 -19.46 -13.62
N THR B 454 -18.79 -19.15 -13.80
CA THR B 454 -17.79 -20.12 -14.22
C THR B 454 -16.84 -20.52 -13.10
N LEU B 455 -16.45 -19.56 -12.25
CA LEU B 455 -15.45 -19.80 -11.20
C LEU B 455 -14.16 -20.38 -11.78
N LYS B 456 -13.77 -19.87 -12.95
CA LYS B 456 -12.56 -20.30 -13.63
C LYS B 456 -11.72 -19.08 -13.98
N GLY B 457 -10.41 -19.21 -13.82
CA GLY B 457 -9.49 -18.18 -14.24
C GLY B 457 -9.47 -16.99 -13.29
N GLY B 458 -8.94 -15.88 -13.81
CA GLY B 458 -8.82 -14.66 -13.04
C GLY B 458 -7.64 -14.60 -12.12
N LYS B 459 -6.60 -15.39 -12.37
CA LYS B 459 -5.41 -15.42 -11.53
C LYS B 459 -4.16 -15.26 -12.38
N CYS B 460 -3.10 -14.75 -11.75
CA CYS B 460 -1.84 -14.56 -12.45
C CYS B 460 -0.68 -14.65 -11.45
N VAL B 461 0.49 -14.96 -11.97
CA VAL B 461 1.75 -14.87 -11.24
C VAL B 461 2.50 -13.67 -11.78
N THR B 462 2.75 -12.70 -10.90
CA THR B 462 3.43 -11.46 -11.28
C THR B 462 4.89 -11.55 -10.89
N ASN B 463 5.77 -11.49 -11.89
CA ASN B 463 7.21 -11.56 -11.67
C ASN B 463 7.73 -10.15 -11.37
N CYS B 464 8.09 -9.91 -10.11
CA CYS B 464 8.72 -8.66 -9.70
C CYS B 464 10.21 -8.84 -9.44
N ILE B 465 10.83 -9.78 -10.15
CA ILE B 465 12.26 -9.98 -10.13
C ILE B 465 12.82 -9.52 -11.46
N PHE B 466 13.84 -8.67 -11.43
CA PHE B 466 14.43 -8.16 -12.65
C PHE B 466 14.92 -9.33 -13.51
N PRO B 467 14.66 -9.31 -14.83
CA PRO B 467 14.96 -10.47 -15.66
C PRO B 467 16.40 -10.96 -15.58
N GLN B 468 17.37 -10.05 -15.47
CA GLN B 468 18.76 -10.47 -15.38
C GLN B 468 19.05 -11.23 -14.08
N GLN B 469 18.26 -10.99 -13.03
CA GLN B 469 18.50 -11.67 -11.76
C GLN B 469 18.27 -13.16 -11.84
N TYR B 470 17.59 -13.64 -12.88
CA TYR B 470 17.48 -15.08 -13.12
C TYR B 470 18.79 -15.68 -13.59
N GLU B 471 19.75 -14.87 -14.03
CA GLU B 471 21.03 -15.34 -14.54
C GLU B 471 22.22 -14.87 -13.71
N ARG B 472 22.20 -13.62 -13.23
CA ARG B 472 23.33 -13.05 -12.52
C ARG B 472 22.83 -11.97 -11.57
N ASP B 473 23.69 -11.59 -10.63
CA ASP B 473 23.33 -10.55 -9.67
C ASP B 473 23.20 -9.20 -10.37
N VAL B 474 22.17 -8.45 -9.98
CA VAL B 474 21.94 -7.09 -10.46
C VAL B 474 22.23 -6.15 -9.30
N ASP B 475 23.29 -5.36 -9.43
CA ASP B 475 23.68 -4.45 -8.36
CA ASP B 475 23.69 -4.45 -8.37
C ASP B 475 22.79 -3.22 -8.38
N PHE B 476 22.22 -2.89 -7.21
CA PHE B 476 21.46 -1.66 -7.07
C PHE B 476 21.41 -1.27 -5.60
N VAL B 477 21.38 0.04 -5.36
CA VAL B 477 21.30 0.61 -4.02
C VAL B 477 19.88 1.07 -3.79
N THR B 478 19.33 0.69 -2.64
CA THR B 478 17.99 1.13 -2.26
C THR B 478 18.07 2.56 -1.71
N CYS B 479 17.26 3.45 -2.27
CA CYS B 479 17.36 4.88 -1.96
C CYS B 479 16.42 5.27 -0.83
N ASN B 480 16.68 4.68 0.34
CA ASN B 480 16.09 5.12 1.59
C ASN B 480 17.21 5.28 2.61
N PHE B 481 16.87 5.72 3.81
CA PHE B 481 17.88 5.86 4.85
C PHE B 481 18.61 4.55 5.10
N ASP B 482 17.86 3.44 5.17
CA ASP B 482 18.46 2.15 5.46
C ASP B 482 19.38 1.66 4.34
N GLY B 483 19.24 2.20 3.13
CA GLY B 483 20.10 1.81 2.03
C GLY B 483 21.50 2.39 2.05
N TYR B 484 21.74 3.38 2.90
CA TYR B 484 23.06 4.00 2.99
C TYR B 484 24.04 3.05 3.67
N PRO B 485 25.35 3.24 3.44
CA PRO B 485 26.34 2.42 4.15
C PRO B 485 26.19 2.56 5.65
N GLU B 486 26.57 1.49 6.36
CA GLU B 486 26.35 1.44 7.80
CA GLU B 486 26.35 1.44 7.81
C GLU B 486 27.05 2.59 8.51
N GLU B 487 28.27 2.94 8.08
CA GLU B 487 29.00 3.99 8.77
CA GLU B 487 29.01 4.00 8.76
C GLU B 487 28.32 5.34 8.60
N ILE B 488 27.64 5.57 7.47
CA ILE B 488 26.91 6.81 7.31
C ILE B 488 25.66 6.82 8.19
N LYS B 489 24.93 5.69 8.21
CA LYS B 489 23.72 5.62 9.02
C LYS B 489 24.02 5.80 10.49
N ASP B 490 25.09 5.15 10.99
CA ASP B 490 25.46 5.33 12.39
C ASP B 490 25.79 6.79 12.69
N LYS B 491 26.57 7.42 11.79
CA LYS B 491 26.98 8.81 11.99
C LYS B 491 25.77 9.72 12.16
N VAL B 492 24.76 9.55 11.31
CA VAL B 492 23.59 10.43 11.34
C VAL B 492 22.74 10.16 12.58
N LEU B 493 22.64 8.89 12.99
CA LEU B 493 21.85 8.57 14.17
C LEU B 493 22.54 9.02 15.45
N GLN B 494 23.87 8.88 15.52
CA GLN B 494 24.62 9.38 16.67
C GLN B 494 24.40 10.87 16.85
N ASN B 495 24.36 11.62 15.75
CA ASN B 495 24.34 13.08 15.80
C ASN B 495 22.94 13.66 15.67
N TRP B 496 21.90 12.81 15.74
CA TRP B 496 20.56 13.30 15.46
C TRP B 496 20.11 14.38 16.44
N SER B 497 20.43 14.20 17.72
CA SER B 497 20.10 15.22 18.71
C SER B 497 21.01 16.43 18.57
N ALA B 498 22.29 16.20 18.27
CA ALA B 498 23.23 17.31 18.10
C ALA B 498 22.88 18.17 16.90
N TYR B 499 22.26 17.58 15.88
CA TYR B 499 21.77 18.37 14.75
C TYR B 499 20.71 19.37 15.20
N GLY B 500 19.92 19.01 16.20
CA GLY B 500 18.80 19.82 16.64
C GLY B 500 17.46 19.12 16.58
N TYR B 501 17.41 17.87 16.15
CA TYR B 501 16.15 17.14 16.03
C TYR B 501 15.79 16.47 17.35
N LYS B 502 14.49 16.38 17.60
CA LYS B 502 14.02 15.78 18.84
CA LYS B 502 13.94 15.76 18.81
C LYS B 502 14.20 14.26 18.83
#